data_3IT6
#
_entry.id   3IT6
#
_cell.length_a   60.849
_cell.length_b   100.095
_cell.length_c   156.401
_cell.angle_alpha   90.00
_cell.angle_beta   90.00
_cell.angle_gamma   90.00
#
_symmetry.space_group_name_H-M   'P 21 21 21'
#
loop_
_entity.id
_entity.type
_entity.pdbx_description
1 polymer 'Arginine biosynthesis bifunctional protein argJ alpha chain'
2 polymer 'Arginine biosynthesis bifunctional protein argJ beta chain'
3 non-polymer L-ornithine
4 water water
#
loop_
_entity_poly.entity_id
_entity_poly.type
_entity_poly.pdbx_seq_one_letter_code
_entity_poly.pdbx_strand_id
1 'polypeptide(L)'
;VTDLAGTTRLLRAQGVTAPAGFRAAGVAAGIKASGALDLALVFNEGPDYAAAGVFTRNQVKAAPVLWTQQVLTTGRLRAV
ILNSGGANACTGPAGFADTHATAEAVAAALSDWGTETGAIEVAVCSTGLIGDRLPMDKLLAGVAHVVHEMHGGLVGGDEA
AHAIMTTDNVPKQVALHHHDNWTVGGMAKGAGMLAPSLA
;
A,C
2 'polypeptide(L)'
;TMLCVLTTDAAAEPAALERALRRAAAATFDRLDIDGSCSTNDTVLLLSSGASEIPPAQADLDEAVLRVCDDLCAQLQADA
EGVTKRVTVTVTGAATEDDALVAARQIARDSLVKTALFGSDPNWGRVLAAVGMAPITLDPDRISVSFNGAAVCVHGVGAP
GAREVDLSDADIDITVDLGVGDGQARIRTTDLSHAYVEENSAYSS
;
B,D
#
# COMPACT_ATOMS: atom_id res chain seq x y z
N THR A 7 10.16 38.75 19.10
CA THR A 7 9.96 37.34 19.50
C THR A 7 8.76 36.71 18.76
N THR A 8 9.06 36.01 17.68
CA THR A 8 8.08 35.25 16.90
C THR A 8 7.72 33.96 17.63
N ARG A 9 6.42 33.66 17.76
CA ARG A 9 5.97 32.50 18.55
C ARG A 9 4.92 31.65 17.82
N LEU A 10 5.08 30.33 17.89
CA LEU A 10 4.11 29.38 17.32
C LEU A 10 3.36 28.69 18.45
N LEU A 11 2.03 28.84 18.47
CA LEU A 11 1.25 28.37 19.60
C LEU A 11 0.04 27.51 19.24
N ARG A 12 -0.04 26.35 19.88
CA ARG A 12 -1.25 25.54 19.81
C ARG A 12 -2.35 26.12 20.71
N ALA A 13 -3.51 25.44 20.74
CA ALA A 13 -4.71 25.93 21.42
C ALA A 13 -5.22 27.25 20.82
N GLN A 14 -4.74 27.56 19.60
CA GLN A 14 -5.10 28.77 18.89
C GLN A 14 -5.27 28.46 17.41
N GLY A 15 -6.18 29.17 16.73
CA GLY A 15 -6.60 28.76 15.41
C GLY A 15 -6.91 29.86 14.43
N VAL A 16 -8.03 29.70 13.74
CA VAL A 16 -8.38 30.56 12.60
C VAL A 16 -8.86 31.96 12.99
N THR A 17 -9.29 32.14 14.23
CA THR A 17 -9.68 33.48 14.71
C THR A 17 -8.60 34.20 15.52
N ALA A 18 -7.36 33.69 15.47
CA ALA A 18 -6.19 34.37 16.04
C ALA A 18 -5.74 35.58 15.23
N PRO A 19 -5.67 35.47 13.87
CA PRO A 19 -5.42 36.69 13.10
C PRO A 19 -6.65 37.60 13.13
N ALA A 20 -6.41 38.90 13.02
CA ALA A 20 -7.51 39.84 13.04
C ALA A 20 -8.22 39.81 11.68
N GLY A 21 -9.54 39.98 11.73
CA GLY A 21 -10.36 40.04 10.51
C GLY A 21 -11.10 38.75 10.18
N PHE A 22 -11.27 37.89 11.19
CA PHE A 22 -11.90 36.60 10.98
C PHE A 22 -12.85 36.25 12.10
N ARG A 23 -14.03 35.78 11.72
CA ARG A 23 -14.94 35.19 12.68
C ARG A 23 -15.11 33.72 12.33
N ALA A 24 -15.47 32.92 13.33
CA ALA A 24 -15.69 31.49 13.14
C ALA A 24 -16.70 30.94 14.13
N ALA A 25 -17.35 29.84 13.74
CA ALA A 25 -18.26 29.12 14.63
C ALA A 25 -18.43 27.67 14.19
N GLY A 26 -18.95 26.87 15.11
CA GLY A 26 -19.29 25.49 14.84
C GLY A 26 -20.58 25.16 15.54
N VAL A 27 -21.52 24.55 14.80
CA VAL A 27 -22.80 24.17 15.36
C VAL A 27 -23.13 22.70 15.09
N ALA A 28 -24.00 22.11 15.92
CA ALA A 28 -24.56 20.79 15.65
C ALA A 28 -25.81 20.96 14.81
N ALA A 29 -25.77 20.42 13.59
CA ALA A 29 -26.86 20.59 12.62
C ALA A 29 -27.77 19.35 12.51
N GLY A 30 -27.32 18.22 13.06
CA GLY A 30 -28.08 16.98 12.97
C GLY A 30 -27.67 16.17 11.74
N ILE A 31 -26.63 16.62 11.03
CA ILE A 31 -26.02 15.84 9.95
C ILE A 31 -25.40 14.59 10.57
N LYS A 32 -24.83 14.74 11.75
CA LYS A 32 -24.31 13.62 12.50
C LYS A 32 -25.38 13.06 13.44
N ALA A 33 -25.66 11.77 13.29
CA ALA A 33 -26.63 11.06 14.13
C ALA A 33 -26.34 11.25 15.62
N SER A 34 -25.06 11.45 15.93
CA SER A 34 -24.57 11.65 17.29
C SER A 34 -24.96 13.00 17.92
N GLY A 35 -25.32 13.97 17.09
CA GLY A 35 -25.61 15.31 17.58
C GLY A 35 -24.37 16.11 17.99
N ALA A 36 -23.19 15.63 17.61
CA ALA A 36 -21.96 16.37 17.84
C ALA A 36 -21.85 17.47 16.78
N LEU A 37 -20.94 18.43 16.98
CA LEU A 37 -20.75 19.53 16.02
C LEU A 37 -20.39 19.00 14.63
N ASP A 38 -20.93 19.63 13.60
CA ASP A 38 -20.71 19.11 12.24
C ASP A 38 -20.76 20.17 11.16
N LEU A 39 -21.03 21.41 11.52
CA LEU A 39 -20.98 22.52 10.56
C LEU A 39 -20.11 23.65 11.07
N ALA A 40 -19.11 24.02 10.28
CA ALA A 40 -18.19 25.09 10.63
C ALA A 40 -18.25 26.21 9.59
N LEU A 41 -18.16 27.44 10.08
CA LEU A 41 -18.05 28.61 9.23
C LEU A 41 -16.82 29.44 9.61
N VAL A 42 -16.05 29.84 8.58
CA VAL A 42 -14.95 30.79 8.75
C VAL A 42 -15.28 31.98 7.88
N PHE A 43 -15.17 33.18 8.44
CA PHE A 43 -15.68 34.38 7.78
C PHE A 43 -14.61 35.46 7.79
N ASN A 44 -14.33 36.00 6.60
CA ASN A 44 -13.40 37.11 6.45
C ASN A 44 -14.09 38.47 6.60
N GLU A 45 -13.79 39.18 7.68
CA GLU A 45 -14.35 40.51 7.93
C GLU A 45 -13.85 41.61 6.99
N GLY A 46 -12.71 41.39 6.32
CA GLY A 46 -12.07 42.41 5.50
C GLY A 46 -10.93 43.09 6.25
N PRO A 47 -10.34 44.16 5.68
CA PRO A 47 -10.68 44.83 4.39
C PRO A 47 -10.34 44.05 3.12
N ASP A 48 -9.41 43.11 3.22
CA ASP A 48 -8.99 42.32 2.07
C ASP A 48 -9.70 40.95 2.04
N TYR A 49 -9.74 40.34 0.86
CA TYR A 49 -10.36 39.02 0.65
C TYR A 49 -9.54 38.07 -0.23
N ALA A 50 -8.23 38.30 -0.28
CA ALA A 50 -7.31 37.48 -1.08
C ALA A 50 -7.29 36.04 -0.58
N ALA A 51 -7.25 35.09 -1.51
CA ALA A 51 -7.29 33.66 -1.19
C ALA A 51 -6.46 32.80 -2.15
N ALA A 52 -6.07 31.62 -1.67
CA ALA A 52 -5.46 30.61 -2.53
C ALA A 52 -5.96 29.24 -2.08
N GLY A 53 -5.94 28.28 -3.00
CA GLY A 53 -6.42 26.94 -2.68
C GLY A 53 -5.64 25.84 -3.35
N VAL A 54 -5.45 24.73 -2.64
CA VAL A 54 -4.95 23.51 -3.26
C VAL A 54 -5.86 22.32 -2.96
N PHE A 55 -5.94 21.40 -3.91
CA PHE A 55 -6.92 20.32 -3.85
C PHE A 55 -6.36 18.97 -4.23
N THR A 56 -7.08 17.92 -3.82
CA THR A 56 -6.72 16.55 -4.09
C THR A 56 -6.50 16.32 -5.58
N ARG A 57 -5.42 15.62 -5.90
CA ARG A 57 -5.13 15.30 -7.30
C ARG A 57 -5.82 14.01 -7.69
N ASN A 58 -6.56 13.43 -6.74
CA ASN A 58 -7.45 12.30 -7.03
C ASN A 58 -8.32 12.62 -8.24
N GLN A 59 -8.49 11.66 -9.15
CA GLN A 59 -9.27 11.94 -10.35
C GLN A 59 -10.76 11.89 -10.05
N VAL A 60 -11.12 11.21 -8.96
CA VAL A 60 -12.48 11.30 -8.47
C VAL A 60 -12.52 12.40 -7.41
N LYS A 61 -13.08 13.56 -7.79
CA LYS A 61 -13.24 14.73 -6.91
C LYS A 61 -14.69 14.94 -6.50
N ALA A 62 -14.90 15.08 -5.19
CA ALA A 62 -16.20 15.44 -4.62
C ALA A 62 -16.73 16.77 -5.15
N ALA A 63 -18.06 16.89 -5.21
CA ALA A 63 -18.73 18.12 -5.61
C ALA A 63 -18.19 19.40 -4.91
N PRO A 64 -17.97 19.37 -3.57
CA PRO A 64 -17.35 20.52 -2.90
C PRO A 64 -15.98 20.91 -3.46
N VAL A 65 -15.13 19.92 -3.76
CA VAL A 65 -13.83 20.19 -4.37
C VAL A 65 -13.98 20.86 -5.74
N LEU A 66 -14.91 20.34 -6.55
CA LEU A 66 -15.20 20.88 -7.87
C LEU A 66 -15.71 22.32 -7.82
N TRP A 67 -16.61 22.59 -6.88
CA TRP A 67 -17.13 23.95 -6.68
C TRP A 67 -16.01 24.89 -6.27
N THR A 68 -15.29 24.51 -5.22
CA THR A 68 -14.27 25.37 -4.64
C THR A 68 -13.10 25.66 -5.61
N GLN A 69 -12.75 24.71 -6.47
CA GLN A 69 -11.75 24.98 -7.54
C GLN A 69 -12.15 26.08 -8.52
N GLN A 70 -13.42 26.13 -8.93
CA GLN A 70 -13.93 27.17 -9.84
C GLN A 70 -13.96 28.51 -9.12
N VAL A 71 -14.50 28.50 -7.91
CA VAL A 71 -14.53 29.66 -7.03
C VAL A 71 -13.13 30.30 -6.84
N LEU A 72 -12.10 29.47 -6.66
CA LEU A 72 -10.77 30.01 -6.40
C LEU A 72 -10.04 30.63 -7.62
N THR A 73 -10.60 30.48 -8.82
CA THR A 73 -9.97 31.12 -9.99
C THR A 73 -10.04 32.64 -9.88
N THR A 74 -10.97 33.13 -9.05
CA THR A 74 -11.08 34.56 -8.76
C THR A 74 -10.02 35.09 -7.75
N GLY A 75 -9.37 34.20 -7.00
CA GLY A 75 -8.48 34.61 -5.90
C GLY A 75 -9.20 35.35 -4.78
N ARG A 76 -10.52 35.16 -4.71
CA ARG A 76 -11.34 35.94 -3.80
C ARG A 76 -12.23 35.03 -2.97
N LEU A 77 -12.17 35.20 -1.66
CA LEU A 77 -13.09 34.49 -0.75
C LEU A 77 -13.57 35.37 0.37
N ARG A 78 -14.86 35.30 0.67
CA ARG A 78 -15.37 35.93 1.87
C ARG A 78 -15.57 34.92 3.01
N ALA A 79 -15.89 33.68 2.66
CA ALA A 79 -16.24 32.66 3.66
C ALA A 79 -15.87 31.24 3.23
N VAL A 80 -15.66 30.38 4.23
CA VAL A 80 -15.55 28.93 4.05
C VAL A 80 -16.63 28.26 4.89
N ILE A 81 -17.49 27.47 4.24
CA ILE A 81 -18.47 26.63 4.92
C ILE A 81 -18.03 25.14 4.80
N LEU A 82 -17.91 24.49 5.95
CA LEU A 82 -17.39 23.12 6.01
C LEU A 82 -18.32 22.27 6.84
N ASN A 83 -18.73 21.13 6.28
CA ASN A 83 -19.49 20.15 7.05
C ASN A 83 -18.75 18.84 7.23
N SER A 84 -18.91 18.23 8.40
CA SER A 84 -18.58 16.81 8.56
C SER A 84 -19.86 15.99 8.47
N GLY A 85 -19.77 14.68 8.70
CA GLY A 85 -20.92 13.80 8.58
C GLY A 85 -21.39 13.51 7.16
N GLY A 86 -20.54 13.75 6.16
CA GLY A 86 -20.84 13.37 4.78
C GLY A 86 -19.98 14.07 3.75
N ALA A 87 -19.33 13.30 2.89
CA ALA A 87 -18.36 13.84 1.93
C ALA A 87 -18.97 14.58 0.75
N ASN A 88 -20.26 14.32 0.47
CA ASN A 88 -20.88 14.75 -0.79
C ASN A 88 -19.99 14.43 -2.00
N ALA A 89 -19.48 13.20 -2.01
CA ALA A 89 -18.61 12.70 -3.05
C ALA A 89 -19.35 11.59 -3.78
N CYS A 90 -19.13 11.49 -5.10
CA CYS A 90 -19.80 10.50 -5.93
C CYS A 90 -21.32 10.66 -5.81
N THR A 91 -21.78 11.90 -5.98
CA THR A 91 -23.20 12.22 -5.87
C THR A 91 -23.72 12.92 -7.12
N GLY A 92 -22.88 13.02 -8.16
CA GLY A 92 -23.29 13.49 -9.48
C GLY A 92 -23.77 14.93 -9.54
N PRO A 93 -24.51 15.27 -10.61
CA PRO A 93 -25.04 16.65 -10.79
C PRO A 93 -25.92 17.12 -9.63
N ALA A 94 -26.72 16.22 -9.07
CA ALA A 94 -27.57 16.57 -7.93
C ALA A 94 -26.69 16.93 -6.74
N GLY A 95 -25.62 16.17 -6.54
CA GLY A 95 -24.63 16.47 -5.52
C GLY A 95 -24.01 17.84 -5.71
N PHE A 96 -23.68 18.18 -6.94
CA PHE A 96 -23.13 19.49 -7.25
C PHE A 96 -24.13 20.59 -6.95
N ALA A 97 -25.39 20.36 -7.31
CA ALA A 97 -26.46 21.31 -7.02
C ALA A 97 -26.59 21.56 -5.51
N ASP A 98 -26.37 20.53 -4.70
CA ASP A 98 -26.40 20.68 -3.24
C ASP A 98 -25.27 21.56 -2.72
N THR A 99 -24.10 21.47 -3.33
CA THR A 99 -22.98 22.30 -2.94
C THR A 99 -23.27 23.76 -3.29
N HIS A 100 -23.74 23.97 -4.52
CA HIS A 100 -24.14 25.29 -4.99
C HIS A 100 -25.16 25.95 -4.07
N ALA A 101 -26.15 25.18 -3.62
CA ALA A 101 -27.22 25.68 -2.76
C ALA A 101 -26.72 25.99 -1.34
N THR A 102 -25.72 25.23 -0.89
CA THR A 102 -25.06 25.51 0.39
C THR A 102 -24.36 26.88 0.33
N ALA A 103 -23.56 27.10 -0.71
CA ALA A 103 -22.88 28.39 -0.92
C ALA A 103 -23.91 29.51 -1.01
N GLU A 104 -24.99 29.24 -1.73
CA GLU A 104 -26.06 30.22 -1.93
C GLU A 104 -26.78 30.58 -0.63
N ALA A 105 -27.07 29.58 0.21
CA ALA A 105 -27.67 29.84 1.53
C ALA A 105 -26.72 30.61 2.43
N VAL A 106 -25.45 30.20 2.46
CA VAL A 106 -24.41 30.95 3.16
C VAL A 106 -24.33 32.42 2.71
N ALA A 107 -24.37 32.66 1.39
CA ALA A 107 -24.31 34.04 0.85
C ALA A 107 -25.57 34.89 1.19
N ALA A 108 -26.74 34.27 1.12
CA ALA A 108 -28.00 34.88 1.57
C ALA A 108 -28.03 35.18 3.07
N ALA A 109 -27.64 34.20 3.89
CA ALA A 109 -27.61 34.42 5.34
C ALA A 109 -26.65 35.57 5.74
N LEU A 110 -25.44 35.60 5.16
CA LEU A 110 -24.49 36.70 5.42
C LEU A 110 -24.97 38.07 4.88
N SER A 111 -25.72 38.08 3.78
CA SER A 111 -26.24 39.33 3.26
C SER A 111 -27.29 39.88 4.22
N ASP A 112 -28.22 39.02 4.63
CA ASP A 112 -29.23 39.36 5.62
C ASP A 112 -28.59 39.89 6.91
N TRP A 113 -27.54 39.19 7.34
CA TRP A 113 -26.79 39.52 8.54
C TRP A 113 -26.13 40.89 8.49
N GLY A 114 -25.74 41.33 7.29
CA GLY A 114 -25.27 42.70 7.09
C GLY A 114 -24.03 42.92 6.24
N THR A 115 -23.62 41.90 5.48
CA THR A 115 -22.50 42.01 4.57
C THR A 115 -22.86 41.39 3.24
N GLU A 116 -22.89 42.22 2.21
CA GLU A 116 -23.28 41.78 0.88
C GLU A 116 -22.33 40.70 0.40
N THR A 117 -22.89 39.54 0.04
CA THR A 117 -22.11 38.36 -0.38
C THR A 117 -22.83 37.61 -1.48
N GLY A 118 -22.08 37.19 -2.50
CA GLY A 118 -22.58 36.23 -3.48
C GLY A 118 -21.96 34.85 -3.30
N ALA A 119 -22.68 33.83 -3.77
CA ALA A 119 -22.23 32.44 -3.69
C ALA A 119 -20.82 32.25 -4.19
N ILE A 120 -20.46 32.98 -5.25
CA ILE A 120 -19.15 32.88 -5.88
C ILE A 120 -17.99 33.25 -4.93
N GLU A 121 -18.31 33.86 -3.78
CA GLU A 121 -17.32 34.23 -2.76
C GLU A 121 -17.29 33.25 -1.58
N VAL A 122 -18.02 32.15 -1.72
CA VAL A 122 -18.11 31.15 -0.65
C VAL A 122 -17.47 29.82 -1.05
N ALA A 123 -16.43 29.44 -0.32
CA ALA A 123 -15.84 28.11 -0.45
C ALA A 123 -16.63 27.11 0.38
N VAL A 124 -16.75 25.91 -0.16
CA VAL A 124 -17.54 24.84 0.44
C VAL A 124 -16.66 23.59 0.53
N CYS A 125 -16.64 22.99 1.71
CA CYS A 125 -15.94 21.75 1.96
C CYS A 125 -16.90 20.76 2.62
N SER A 126 -16.65 19.47 2.35
CA SER A 126 -17.37 18.41 3.02
C SER A 126 -16.41 17.29 3.40
N THR A 127 -16.80 16.48 4.39
CA THR A 127 -15.99 15.35 4.83
C THR A 127 -16.87 14.31 5.53
N GLY A 128 -16.55 13.03 5.31
CA GLY A 128 -17.37 11.92 5.85
C GLY A 128 -17.41 10.75 4.88
N LEU A 129 -18.53 10.02 4.87
CA LEU A 129 -18.72 8.87 3.98
C LEU A 129 -18.86 9.29 2.52
N ILE A 130 -18.29 8.49 1.62
CA ILE A 130 -18.51 8.67 0.19
C ILE A 130 -19.82 8.01 -0.27
N GLY A 131 -20.59 8.73 -1.08
CA GLY A 131 -21.73 8.16 -1.78
C GLY A 131 -23.09 8.59 -1.28
N ASP A 132 -23.17 8.99 -0.02
CA ASP A 132 -24.40 9.47 0.57
C ASP A 132 -24.72 10.92 0.23
N ARG A 133 -26.01 11.17 0.04
CA ARG A 133 -26.52 12.51 -0.18
C ARG A 133 -26.59 13.27 1.14
N LEU A 134 -26.44 14.58 1.07
CA LEU A 134 -26.50 15.43 2.27
C LEU A 134 -27.94 15.69 2.69
N PRO A 135 -28.19 15.75 4.01
CA PRO A 135 -29.55 16.12 4.46
C PRO A 135 -29.74 17.64 4.43
N MET A 136 -30.22 18.15 3.30
CA MET A 136 -30.23 19.58 3.02
C MET A 136 -31.03 20.43 3.99
N ASP A 137 -32.18 19.94 4.45
CA ASP A 137 -33.00 20.70 5.40
C ASP A 137 -32.25 20.97 6.68
N LYS A 138 -31.52 19.96 7.15
CA LYS A 138 -30.72 20.08 8.37
C LYS A 138 -29.52 20.99 8.15
N LEU A 139 -28.85 20.80 7.02
CA LEU A 139 -27.69 21.58 6.62
C LEU A 139 -28.08 23.05 6.51
N LEU A 140 -29.14 23.34 5.76
CA LEU A 140 -29.56 24.73 5.50
C LEU A 140 -30.06 25.43 6.75
N ALA A 141 -30.63 24.68 7.70
CA ALA A 141 -30.97 25.22 9.02
C ALA A 141 -29.70 25.55 9.81
N GLY A 142 -28.71 24.66 9.75
CA GLY A 142 -27.41 24.93 10.36
C GLY A 142 -26.73 26.19 9.81
N VAL A 143 -26.77 26.37 8.49
CA VAL A 143 -26.21 27.57 7.84
C VAL A 143 -26.74 28.85 8.50
N ALA A 144 -28.07 29.01 8.54
CA ALA A 144 -28.70 30.14 9.23
C ALA A 144 -28.17 30.33 10.65
N HIS A 145 -28.10 29.24 11.40
CA HIS A 145 -27.63 29.24 12.77
C HIS A 145 -26.17 29.70 12.93
N VAL A 146 -25.28 29.12 12.14
CA VAL A 146 -23.85 29.36 12.27
C VAL A 146 -23.40 30.81 11.88
N VAL A 147 -24.12 31.46 10.96
CA VAL A 147 -23.84 32.85 10.59
C VAL A 147 -24.17 33.75 11.77
N HIS A 148 -25.15 33.33 12.55
CA HIS A 148 -25.55 34.08 13.73
C HIS A 148 -24.65 33.86 14.95
N GLU A 149 -23.87 32.77 14.96
CA GLU A 149 -23.01 32.48 16.14
C GLU A 149 -21.57 32.91 15.96
N MET A 150 -21.18 33.22 14.73
CA MET A 150 -19.78 33.48 14.41
C MET A 150 -19.25 34.73 15.12
N HIS A 151 -18.01 34.62 15.62
CA HIS A 151 -17.32 35.72 16.27
C HIS A 151 -15.81 35.51 16.17
N GLY A 152 -15.06 36.54 16.55
CA GLY A 152 -13.60 36.54 16.43
C GLY A 152 -12.87 35.98 17.64
N GLY A 153 -13.63 35.58 18.66
CA GLY A 153 -13.06 35.00 19.88
C GLY A 153 -12.43 33.63 19.64
N LEU A 154 -11.38 33.32 20.40
CA LEU A 154 -10.72 32.03 20.24
C LEU A 154 -11.66 30.82 20.34
N VAL A 155 -12.72 30.91 21.15
CA VAL A 155 -13.71 29.83 21.28
C VAL A 155 -14.48 29.59 19.97
N GLY A 156 -14.65 30.65 19.17
CA GLY A 156 -15.19 30.51 17.80
C GLY A 156 -14.34 29.60 16.91
N GLY A 157 -13.03 29.80 16.94
CA GLY A 157 -12.10 28.93 16.24
C GLY A 157 -12.19 27.50 16.73
N ASP A 158 -12.23 27.33 18.06
CA ASP A 158 -12.31 26.02 18.71
C ASP A 158 -13.46 25.21 18.15
N GLU A 159 -14.64 25.83 18.13
CA GLU A 159 -15.86 25.20 17.67
C GLU A 159 -15.80 24.83 16.20
N ALA A 160 -15.29 25.75 15.38
CA ALA A 160 -15.13 25.46 13.95
C ALA A 160 -14.23 24.23 13.80
N ALA A 161 -13.18 24.19 14.64
CA ALA A 161 -12.21 23.10 14.61
C ALA A 161 -12.78 21.76 15.05
N HIS A 162 -13.68 21.79 16.05
CA HIS A 162 -14.37 20.59 16.55
C HIS A 162 -15.37 20.11 15.52
N ALA A 163 -16.07 21.07 14.90
CA ALA A 163 -17.13 20.78 13.94
C ALA A 163 -16.67 20.04 12.69
N ILE A 164 -15.42 20.19 12.29
CA ILE A 164 -14.94 19.56 11.04
C ILE A 164 -14.44 18.13 11.26
N MET A 165 -14.41 17.71 12.52
CA MET A 165 -13.91 16.37 12.87
C MET A 165 -14.83 15.25 12.37
N THR A 166 -14.22 14.16 11.89
CA THR A 166 -14.95 12.93 11.60
C THR A 166 -14.46 11.85 12.57
N THR A 167 -13.37 11.17 12.21
CA THR A 167 -12.82 10.09 13.02
C THR A 167 -11.68 10.56 13.92
N ASP A 168 -11.38 11.87 13.85
CA ASP A 168 -10.46 12.53 14.78
C ASP A 168 -10.99 12.37 16.22
N ASN A 169 -10.10 12.35 17.24
CA ASN A 169 -10.55 12.34 18.64
C ASN A 169 -10.33 13.69 19.30
N VAL A 170 -9.30 14.40 18.82
CA VAL A 170 -8.98 15.75 19.28
C VAL A 170 -8.93 16.70 18.08
N PRO A 171 -9.21 18.00 18.28
CA PRO A 171 -9.13 18.92 17.13
C PRO A 171 -7.67 19.33 16.85
N LYS A 172 -7.45 20.00 15.72
CA LYS A 172 -6.09 20.47 15.39
C LYS A 172 -6.11 21.95 15.05
N GLN A 173 -5.31 22.70 15.80
CA GLN A 173 -5.22 24.14 15.69
C GLN A 173 -3.78 24.54 15.96
N VAL A 174 -3.33 25.59 15.27
CA VAL A 174 -2.08 26.27 15.61
C VAL A 174 -2.13 27.68 15.02
N ALA A 175 -1.33 28.58 15.61
CA ALA A 175 -1.23 29.95 15.18
C ALA A 175 0.17 30.45 15.41
N LEU A 176 0.75 31.04 14.36
CA LEU A 176 2.08 31.63 14.45
C LEU A 176 1.92 33.14 14.56
N HIS A 177 2.37 33.69 15.68
CA HIS A 177 2.38 35.13 15.90
C HIS A 177 3.77 35.63 15.54
N HIS A 178 3.85 36.41 14.47
CA HIS A 178 5.12 36.95 13.99
C HIS A 178 5.48 38.27 14.69
N HIS A 179 6.77 38.50 14.91
CA HIS A 179 7.22 39.65 15.70
C HIS A 179 6.92 41.03 15.09
N ASP A 180 6.63 41.04 13.79
CA ASP A 180 6.20 42.25 13.08
C ASP A 180 4.70 42.48 13.19
N ASN A 181 4.03 41.69 14.02
CA ASN A 181 2.62 41.87 14.42
C ASN A 181 1.53 41.45 13.43
N TRP A 182 1.87 40.51 12.54
CA TRP A 182 0.84 39.79 11.79
C TRP A 182 0.82 38.33 12.26
N THR A 183 -0.29 37.65 11.97
CA THR A 183 -0.51 36.31 12.48
C THR A 183 -1.00 35.36 11.37
N VAL A 184 -0.51 34.12 11.37
CA VAL A 184 -1.12 33.07 10.55
C VAL A 184 -1.78 32.08 11.49
N GLY A 185 -3.05 31.79 11.25
CA GLY A 185 -3.80 30.85 12.07
C GLY A 185 -4.31 29.71 11.22
N GLY A 186 -4.59 28.57 11.84
CA GLY A 186 -4.97 27.39 11.09
C GLY A 186 -5.67 26.31 11.89
N MET A 187 -6.62 25.65 11.23
CA MET A 187 -7.20 24.40 11.71
C MET A 187 -7.06 23.25 10.70
N ALA A 188 -7.07 22.02 11.19
CA ALA A 188 -7.02 20.87 10.31
C ALA A 188 -7.80 19.70 10.91
N LYS A 189 -8.23 18.80 10.05
CA LYS A 189 -8.79 17.51 10.50
C LYS A 189 -8.29 16.40 9.58
N GLY A 190 -8.43 15.17 10.06
CA GLY A 190 -8.17 13.98 9.26
C GLY A 190 -7.34 12.95 10.01
N ALA A 191 -7.80 11.69 10.01
CA ALA A 191 -7.13 10.64 10.77
C ALA A 191 -7.00 9.32 10.01
N GLY A 192 -7.78 9.19 8.94
CA GLY A 192 -7.75 8.02 8.05
C GLY A 192 -8.07 8.48 6.65
N MET A 193 -7.82 7.63 5.66
CA MET A 193 -7.77 8.09 4.26
C MET A 193 -6.96 9.38 4.20
N LEU A 194 -5.70 9.26 4.65
CA LEU A 194 -4.84 10.39 4.93
C LEU A 194 -3.49 10.26 4.21
N ALA A 195 -3.46 10.68 2.95
CA ALA A 195 -2.21 10.71 2.17
C ALA A 195 -2.36 11.79 1.11
N PRO A 196 -2.36 13.06 1.53
CA PRO A 196 -2.66 14.14 0.60
C PRO A 196 -1.68 14.22 -0.56
N SER A 197 -2.21 14.51 -1.74
CA SER A 197 -1.43 14.79 -2.92
C SER A 197 -2.12 15.97 -3.57
N LEU A 198 -1.54 17.14 -3.38
CA LEU A 198 -2.24 18.42 -3.54
C LEU A 198 -1.75 19.22 -4.76
N ALA A 199 -2.69 19.87 -5.44
CA ALA A 199 -2.38 20.85 -6.47
C ALA A 199 -3.52 21.87 -6.59
N THR B 1 -10.13 11.92 5.00
CA THR B 1 -9.91 13.23 4.31
C THR B 1 -9.18 14.22 5.21
N MET B 2 -8.32 15.01 4.58
CA MET B 2 -7.64 16.09 5.27
C MET B 2 -8.26 17.39 4.78
N LEU B 3 -8.83 18.16 5.71
CA LEU B 3 -9.29 19.51 5.42
C LEU B 3 -8.49 20.49 6.24
N CYS B 4 -8.14 21.62 5.64
CA CYS B 4 -7.35 22.64 6.33
C CYS B 4 -7.69 24.06 5.90
N VAL B 5 -7.97 24.92 6.89
CA VAL B 5 -8.22 26.33 6.63
C VAL B 5 -7.14 27.16 7.34
N LEU B 6 -6.40 27.94 6.55
CA LEU B 6 -5.41 28.89 7.05
C LEU B 6 -5.91 30.33 6.87
N THR B 7 -5.77 31.14 7.93
CA THR B 7 -6.20 32.55 7.90
C THR B 7 -4.98 33.42 8.26
N THR B 8 -4.94 34.65 7.76
CA THR B 8 -3.83 35.57 8.06
C THR B 8 -4.27 37.03 7.94
N ASP B 9 -3.81 37.86 8.88
CA ASP B 9 -4.07 39.29 8.81
C ASP B 9 -2.97 40.10 8.08
N ALA B 10 -1.94 39.39 7.63
CA ALA B 10 -0.91 39.97 6.77
C ALA B 10 -1.53 40.41 5.46
N ALA B 11 -1.13 41.60 5.00
CA ALA B 11 -1.54 42.09 3.69
C ALA B 11 -0.75 41.34 2.65
N ALA B 12 -1.46 40.66 1.75
CA ALA B 12 -0.85 39.87 0.70
C ALA B 12 -1.86 39.54 -0.38
N GLU B 13 -1.44 39.76 -1.63
CA GLU B 13 -2.26 39.46 -2.80
C GLU B 13 -2.40 37.94 -3.00
N PRO B 14 -3.39 37.50 -3.81
CA PRO B 14 -3.55 36.08 -4.10
C PRO B 14 -2.28 35.32 -4.52
N ALA B 15 -1.49 35.92 -5.43
CA ALA B 15 -0.26 35.29 -5.92
C ALA B 15 0.74 35.07 -4.78
N ALA B 16 0.73 35.97 -3.81
CA ALA B 16 1.57 35.84 -2.61
C ALA B 16 1.11 34.67 -1.73
N LEU B 17 -0.21 34.55 -1.54
CA LEU B 17 -0.77 33.44 -0.81
C LEU B 17 -0.51 32.11 -1.53
N GLU B 18 -0.59 32.15 -2.87
CA GLU B 18 -0.43 30.93 -3.66
C GLU B 18 0.95 30.31 -3.55
N ARG B 19 1.98 31.15 -3.67
CA ARG B 19 3.36 30.71 -3.47
C ARG B 19 3.54 30.11 -2.08
N ALA B 20 3.24 30.88 -1.04
CA ALA B 20 3.28 30.38 0.34
C ALA B 20 2.57 29.03 0.54
N LEU B 21 1.32 28.94 0.11
CA LEU B 21 0.57 27.69 0.24
C LEU B 21 1.17 26.51 -0.53
N ARG B 22 1.55 26.72 -1.80
CA ARG B 22 2.10 25.63 -2.63
C ARG B 22 3.43 25.13 -2.09
N ARG B 23 4.29 26.04 -1.66
CA ARG B 23 5.55 25.67 -1.00
C ARG B 23 5.26 24.91 0.29
N ALA B 24 4.32 25.41 1.10
CA ALA B 24 3.98 24.78 2.40
C ALA B 24 3.37 23.40 2.21
N ALA B 25 2.47 23.27 1.22
CA ALA B 25 1.78 22.00 0.95
C ALA B 25 2.73 20.88 0.49
N ALA B 26 3.70 21.24 -0.36
CA ALA B 26 4.73 20.32 -0.88
C ALA B 26 5.65 19.75 0.20
N ALA B 27 5.97 20.56 1.21
CA ALA B 27 6.93 20.18 2.25
C ALA B 27 6.28 19.50 3.45
N THR B 28 4.95 19.63 3.56
CA THR B 28 4.22 19.13 4.73
C THR B 28 3.09 18.11 4.41
N PHE B 29 1.95 18.57 3.91
CA PHE B 29 0.83 17.69 3.63
C PHE B 29 1.16 16.63 2.56
N ASP B 30 1.84 17.03 1.49
CA ASP B 30 2.31 16.08 0.47
C ASP B 30 3.28 15.03 1.02
N ARG B 31 3.73 15.20 2.26
CA ARG B 31 4.65 14.25 2.89
C ARG B 31 4.09 13.65 4.16
N LEU B 32 2.77 13.80 4.34
CA LEU B 32 2.04 13.12 5.40
C LEU B 32 1.31 11.95 4.77
N ASP B 33 1.63 10.73 5.21
CA ASP B 33 1.09 9.52 4.61
C ASP B 33 0.80 8.53 5.73
N ILE B 34 -0.43 8.57 6.25
CA ILE B 34 -0.82 7.69 7.34
C ILE B 34 -1.12 6.27 6.82
N ASP B 35 -2.05 6.16 5.88
CA ASP B 35 -2.48 4.87 5.38
C ASP B 35 -2.48 4.73 3.85
N GLY B 36 -1.81 5.64 3.14
CA GLY B 36 -1.61 5.51 1.70
C GLY B 36 -2.83 5.72 0.83
N SER B 37 -3.96 6.06 1.46
CA SER B 37 -5.21 6.29 0.75
C SER B 37 -5.55 7.77 0.69
N CYS B 38 -5.39 8.30 -0.51
CA CYS B 38 -5.61 9.68 -0.81
C CYS B 38 -7.08 9.91 -1.10
N SER B 39 -7.65 10.95 -0.49
CA SER B 39 -9.09 11.19 -0.49
C SER B 39 -9.64 11.88 -1.74
N THR B 40 -10.97 11.96 -1.83
CA THR B 40 -11.68 12.67 -2.90
C THR B 40 -12.07 14.10 -2.49
N ASN B 41 -11.74 14.48 -1.25
CA ASN B 41 -12.19 15.73 -0.63
C ASN B 41 -11.08 16.65 -0.10
N ASP B 42 -9.81 16.25 -0.25
CA ASP B 42 -8.71 17.00 0.33
C ASP B 42 -8.60 18.43 -0.23
N THR B 43 -8.59 19.41 0.69
CA THR B 43 -8.60 20.84 0.38
C THR B 43 -7.80 21.58 1.44
N VAL B 44 -6.94 22.49 1.00
CA VAL B 44 -6.28 23.45 1.90
C VAL B 44 -6.55 24.86 1.37
N LEU B 45 -7.05 25.73 2.25
CA LEU B 45 -7.38 27.10 1.87
C LEU B 45 -6.60 28.12 2.69
N LEU B 46 -6.13 29.18 2.02
CA LEU B 46 -5.43 30.26 2.71
C LEU B 46 -6.07 31.61 2.42
N LEU B 47 -6.62 32.22 3.47
CA LEU B 47 -7.35 33.51 3.36
C LEU B 47 -6.60 34.66 4.04
N SER B 48 -6.70 35.85 3.46
CA SER B 48 -6.03 37.03 4.00
C SER B 48 -7.01 38.20 4.19
N SER B 49 -7.11 38.70 5.41
CA SER B 49 -7.97 39.83 5.74
C SER B 49 -7.24 41.17 5.58
N GLY B 50 -5.90 41.10 5.50
CA GLY B 50 -5.05 42.29 5.47
C GLY B 50 -5.20 43.21 6.68
N ALA B 51 -5.90 42.74 7.72
CA ALA B 51 -6.29 43.62 8.83
C ALA B 51 -5.11 44.20 9.64
N SER B 52 -3.92 43.64 9.51
CA SER B 52 -2.72 44.21 10.13
C SER B 52 -2.16 45.36 9.30
N GLU B 53 -2.45 45.36 8.00
CA GLU B 53 -1.92 46.35 7.04
C GLU B 53 -0.41 46.26 6.90
N ILE B 54 0.16 45.14 7.34
CA ILE B 54 1.59 44.91 7.18
C ILE B 54 1.81 43.89 6.08
N PRO B 55 2.48 44.30 4.98
CA PRO B 55 2.85 43.34 3.93
C PRO B 55 4.22 42.70 4.22
N PRO B 56 4.23 41.43 4.66
CA PRO B 56 5.56 40.91 5.03
C PRO B 56 6.37 40.56 3.79
N ALA B 57 7.69 40.43 3.96
CA ALA B 57 8.55 39.96 2.88
C ALA B 57 8.15 38.52 2.57
N GLN B 58 8.21 38.14 1.30
CA GLN B 58 7.61 36.88 0.88
C GLN B 58 8.20 35.65 1.59
N ALA B 59 9.51 35.70 1.85
CA ALA B 59 10.17 34.58 2.51
C ALA B 59 9.63 34.36 3.93
N ASP B 60 9.25 35.44 4.60
CA ASP B 60 8.68 35.34 5.94
C ASP B 60 7.23 34.92 5.92
N LEU B 61 6.50 35.30 4.87
CA LEU B 61 5.15 34.80 4.68
C LEU B 61 5.19 33.29 4.42
N ASP B 62 6.02 32.88 3.45
CA ASP B 62 6.24 31.46 3.14
C ASP B 62 6.54 30.65 4.41
N GLU B 63 7.50 31.15 5.16
CA GLU B 63 8.02 30.53 6.38
C GLU B 63 6.94 30.34 7.45
N ALA B 64 6.19 31.41 7.72
CA ALA B 64 5.10 31.36 8.68
C ALA B 64 4.06 30.31 8.31
N VAL B 65 3.69 30.26 7.03
CA VAL B 65 2.68 29.31 6.56
C VAL B 65 3.22 27.87 6.65
N LEU B 66 4.51 27.71 6.35
CA LEU B 66 5.14 26.39 6.41
C LEU B 66 5.15 25.86 7.85
N ARG B 67 5.50 26.74 8.78
CA ARG B 67 5.62 26.36 10.17
C ARG B 67 4.25 26.00 10.76
N VAL B 68 3.22 26.71 10.34
CA VAL B 68 1.85 26.41 10.73
C VAL B 68 1.39 25.05 10.17
N CYS B 69 1.56 24.83 8.85
CA CYS B 69 1.19 23.56 8.20
C CYS B 69 1.95 22.36 8.78
N ASP B 70 3.24 22.58 9.04
CA ASP B 70 4.11 21.55 9.59
C ASP B 70 3.68 21.12 11.00
N ASP B 71 3.36 22.08 11.86
CA ASP B 71 2.85 21.74 13.19
C ASP B 71 1.49 21.02 13.08
N LEU B 72 0.64 21.47 12.16
CA LEU B 72 -0.64 20.80 11.92
C LEU B 72 -0.42 19.36 11.51
N CYS B 73 0.55 19.13 10.62
CA CYS B 73 0.90 17.75 10.27
C CYS B 73 1.28 16.90 11.48
N ALA B 74 2.15 17.41 12.35
CA ALA B 74 2.52 16.70 13.59
C ALA B 74 1.28 16.28 14.39
N GLN B 75 0.36 17.21 14.56
CA GLN B 75 -0.89 17.00 15.29
C GLN B 75 -1.73 15.94 14.60
N LEU B 76 -1.86 16.04 13.28
CA LEU B 76 -2.57 15.04 12.48
C LEU B 76 -2.00 13.65 12.66
N GLN B 77 -0.68 13.53 12.54
CA GLN B 77 0.02 12.27 12.79
C GLN B 77 -0.23 11.74 14.21
N ALA B 78 -0.27 12.64 15.20
CA ALA B 78 -0.36 12.24 16.60
C ALA B 78 -1.72 11.65 16.95
N ASP B 79 -2.72 11.97 16.13
CA ASP B 79 -4.10 11.58 16.39
C ASP B 79 -4.67 10.65 15.32
N ALA B 80 -3.78 10.05 14.53
CA ALA B 80 -4.18 9.21 13.41
C ALA B 80 -5.00 8.02 13.90
N GLU B 81 -5.96 7.57 13.09
CA GLU B 81 -6.80 6.43 13.42
C GLU B 81 -5.96 5.24 13.91
N GLY B 82 -6.21 4.83 15.16
CA GLY B 82 -5.54 3.68 15.76
C GLY B 82 -4.03 3.73 15.91
N VAL B 83 -3.48 4.94 16.06
CA VAL B 83 -2.02 5.13 16.08
C VAL B 83 -1.38 4.69 17.40
N THR B 84 -0.34 3.87 17.32
CA THR B 84 0.47 3.56 18.51
C THR B 84 1.92 4.03 18.35
N LYS B 85 2.37 4.17 17.11
CA LYS B 85 3.70 4.73 16.83
C LYS B 85 3.63 5.96 15.91
N ARG B 86 4.26 7.04 16.36
CA ARG B 86 4.49 8.19 15.51
C ARG B 86 5.81 7.98 14.80
N VAL B 87 5.72 7.64 13.52
CA VAL B 87 6.86 7.17 12.73
C VAL B 87 7.34 8.23 11.73
N THR B 88 8.62 8.55 11.80
CA THR B 88 9.26 9.41 10.83
C THR B 88 10.20 8.58 9.97
N VAL B 89 10.07 8.67 8.66
CA VAL B 89 10.91 7.90 7.74
C VAL B 89 11.80 8.85 6.99
N THR B 90 13.10 8.77 7.22
CA THR B 90 14.05 9.64 6.54
C THR B 90 14.92 8.86 5.56
N VAL B 91 14.86 9.23 4.29
CA VAL B 91 15.82 8.74 3.33
C VAL B 91 16.82 9.85 3.03
N THR B 92 18.11 9.52 3.20
CA THR B 92 19.22 10.37 2.78
C THR B 92 20.11 9.64 1.74
N GLY B 93 21.01 10.38 1.10
CA GLY B 93 21.98 9.77 0.19
C GLY B 93 21.41 9.25 -1.13
N ALA B 94 20.31 9.86 -1.58
CA ALA B 94 19.64 9.46 -2.81
C ALA B 94 20.23 10.17 -4.03
N ALA B 95 19.91 9.70 -5.24
CA ALA B 95 20.42 10.33 -6.47
C ALA B 95 19.86 11.74 -6.66
N THR B 96 18.55 11.88 -6.46
CA THR B 96 17.87 13.18 -6.45
C THR B 96 16.92 13.25 -5.24
N GLU B 97 16.40 14.43 -4.97
CA GLU B 97 15.44 14.59 -3.90
C GLU B 97 14.15 13.80 -4.15
N ASP B 98 13.72 13.71 -5.41
CA ASP B 98 12.48 12.99 -5.71
C ASP B 98 12.61 11.49 -5.41
N ASP B 99 13.77 10.92 -5.77
CA ASP B 99 14.07 9.53 -5.46
C ASP B 99 13.98 9.24 -3.95
N ALA B 100 14.46 10.17 -3.13
CA ALA B 100 14.44 10.01 -1.68
C ALA B 100 13.02 9.98 -1.15
N LEU B 101 12.20 10.89 -1.68
CA LEU B 101 10.79 11.00 -1.34
C LEU B 101 10.02 9.74 -1.75
N VAL B 102 10.28 9.29 -2.98
CA VAL B 102 9.70 8.04 -3.51
C VAL B 102 10.13 6.84 -2.68
N ALA B 103 11.40 6.80 -2.29
CA ALA B 103 11.91 5.69 -1.48
C ALA B 103 11.27 5.69 -0.08
N ALA B 104 11.20 6.86 0.54
CA ALA B 104 10.62 7.01 1.88
C ALA B 104 9.13 6.71 1.88
N ARG B 105 8.44 7.08 0.81
CA ARG B 105 7.03 6.76 0.70
C ARG B 105 6.83 5.24 0.61
N GLN B 106 7.64 4.59 -0.23
CA GLN B 106 7.64 3.13 -0.36
C GLN B 106 7.80 2.42 1.00
N ILE B 107 8.76 2.88 1.80
CA ILE B 107 8.99 2.35 3.14
C ILE B 107 7.76 2.58 4.02
N ALA B 108 7.28 3.82 4.05
CA ALA B 108 6.20 4.24 4.94
C ALA B 108 4.86 3.57 4.68
N ARG B 109 4.63 3.23 3.41
CA ARG B 109 3.38 2.61 2.98
C ARG B 109 3.33 1.10 3.12
N ASP B 110 4.49 0.47 3.35
CA ASP B 110 4.61 -0.99 3.34
C ASP B 110 3.94 -1.65 4.56
N SER B 111 3.06 -2.60 4.29
CA SER B 111 2.28 -3.29 5.31
C SER B 111 3.13 -4.07 6.31
N LEU B 112 4.23 -4.64 5.84
CA LEU B 112 5.10 -5.39 6.75
C LEU B 112 5.99 -4.47 7.60
N VAL B 113 6.39 -3.33 7.06
CA VAL B 113 7.12 -2.35 7.87
C VAL B 113 6.22 -1.78 8.98
N LYS B 114 4.99 -1.45 8.63
CA LYS B 114 4.01 -0.86 9.56
C LYS B 114 3.63 -1.85 10.66
N THR B 115 3.42 -3.11 10.29
CA THR B 115 3.08 -4.13 11.29
C THR B 115 4.28 -4.45 12.21
N ALA B 116 5.48 -4.48 11.64
CA ALA B 116 6.69 -4.65 12.45
C ALA B 116 6.78 -3.53 13.49
N LEU B 117 6.55 -2.29 13.05
CA LEU B 117 6.56 -1.14 13.96
C LEU B 117 5.46 -1.19 15.03
N PHE B 118 4.26 -1.63 14.66
CA PHE B 118 3.21 -1.89 15.63
C PHE B 118 3.68 -2.87 16.72
N GLY B 119 4.43 -3.87 16.31
CA GLY B 119 4.97 -4.85 17.26
C GLY B 119 6.25 -4.41 17.94
N SER B 120 6.70 -3.19 17.67
CA SER B 120 7.99 -2.68 18.20
C SER B 120 9.20 -3.49 17.72
N ASP B 121 9.14 -3.98 16.49
CA ASP B 121 10.16 -4.88 15.95
C ASP B 121 11.08 -4.13 14.99
N PRO B 122 12.36 -3.97 15.36
CA PRO B 122 13.30 -3.27 14.49
C PRO B 122 13.73 -4.14 13.30
N ASN B 123 12.78 -4.47 12.44
CA ASN B 123 13.01 -5.41 11.34
C ASN B 123 13.56 -4.71 10.09
N TRP B 124 14.86 -4.60 10.01
CA TRP B 124 15.48 -3.86 8.92
C TRP B 124 15.33 -4.58 7.57
N GLY B 125 15.20 -5.90 7.62
CA GLY B 125 14.95 -6.71 6.43
C GLY B 125 13.72 -6.23 5.66
N ARG B 126 12.65 -6.00 6.41
CA ARG B 126 11.39 -5.53 5.85
C ARG B 126 11.53 -4.18 5.15
N VAL B 127 12.35 -3.31 5.73
CA VAL B 127 12.66 -1.99 5.17
C VAL B 127 13.45 -2.14 3.86
N LEU B 128 14.41 -3.07 3.85
CA LEU B 128 15.18 -3.35 2.65
C LEU B 128 14.34 -3.96 1.53
N ALA B 129 13.49 -4.92 1.88
CA ALA B 129 12.54 -5.49 0.93
C ALA B 129 11.73 -4.40 0.24
N ALA B 130 11.13 -3.54 1.07
CA ALA B 130 10.27 -2.46 0.59
C ALA B 130 11.00 -1.47 -0.31
N VAL B 131 12.10 -0.89 0.18
CA VAL B 131 12.87 0.10 -0.58
C VAL B 131 13.36 -0.45 -1.93
N GLY B 132 13.66 -1.76 -1.99
CA GLY B 132 14.09 -2.41 -3.22
C GLY B 132 13.09 -2.36 -4.36
N MET B 133 11.82 -2.11 -4.02
CA MET B 133 10.74 -1.99 -5.00
C MET B 133 10.49 -0.56 -5.47
N ALA B 134 11.15 0.42 -4.85
CA ALA B 134 11.00 1.81 -5.27
C ALA B 134 11.64 2.00 -6.64
N PRO B 135 10.98 2.72 -7.56
CA PRO B 135 11.53 2.92 -8.91
C PRO B 135 12.63 4.00 -8.97
N ILE B 136 13.79 3.70 -8.40
CA ILE B 136 14.86 4.68 -8.23
C ILE B 136 16.24 4.04 -8.39
N THR B 137 17.26 4.89 -8.59
CA THR B 137 18.65 4.48 -8.54
C THR B 137 18.94 3.94 -7.15
N LEU B 138 19.44 2.70 -7.11
CA LEU B 138 19.70 2.02 -5.86
C LEU B 138 20.90 1.10 -6.02
N ASP B 139 21.82 1.15 -5.06
CA ASP B 139 22.82 0.10 -4.95
C ASP B 139 22.61 -0.67 -3.65
N PRO B 140 22.19 -1.95 -3.76
CA PRO B 140 21.86 -2.73 -2.55
C PRO B 140 23.04 -2.93 -1.58
N ASP B 141 24.26 -2.75 -2.08
CA ASP B 141 25.47 -2.98 -1.26
C ASP B 141 25.83 -1.74 -0.46
N ARG B 142 25.17 -0.64 -0.75
CA ARG B 142 25.53 0.63 -0.15
C ARG B 142 24.48 1.13 0.84
N ILE B 143 23.34 0.45 0.93
CA ILE B 143 22.25 0.92 1.81
C ILE B 143 22.58 0.70 3.28
N SER B 144 22.32 1.72 4.09
CA SER B 144 22.31 1.56 5.54
C SER B 144 20.94 1.92 6.12
N VAL B 145 20.63 1.37 7.30
CA VAL B 145 19.35 1.62 7.97
C VAL B 145 19.57 1.83 9.46
N SER B 146 18.92 2.85 10.00
CA SER B 146 18.96 3.12 11.43
C SER B 146 17.59 3.33 12.04
N PHE B 147 17.39 2.73 13.22
CA PHE B 147 16.21 2.98 14.03
C PHE B 147 16.65 3.82 15.24
N ASN B 148 15.99 4.95 15.46
CA ASN B 148 16.28 5.81 16.62
C ASN B 148 17.77 6.08 16.85
N GLY B 149 18.51 6.30 15.76
CA GLY B 149 19.93 6.65 15.81
C GLY B 149 20.87 5.46 15.93
N ALA B 150 20.31 4.25 15.91
CA ALA B 150 21.10 3.01 16.01
C ALA B 150 21.17 2.28 14.67
N ALA B 151 22.37 2.23 14.10
CA ALA B 151 22.64 1.59 12.83
C ALA B 151 22.49 0.08 12.94
N VAL B 152 21.40 -0.48 12.41
CA VAL B 152 21.16 -1.93 12.46
C VAL B 152 21.56 -2.63 11.16
N CYS B 153 21.79 -1.83 10.12
CA CYS B 153 22.19 -2.38 8.86
C CYS B 153 23.12 -1.40 8.18
N VAL B 154 24.33 -1.84 7.86
CA VAL B 154 25.26 -1.01 7.07
C VAL B 154 25.90 -1.79 5.90
N HIS B 155 26.09 -1.10 4.78
CA HIS B 155 26.58 -1.69 3.53
C HIS B 155 25.70 -2.86 3.04
N GLY B 156 24.40 -2.75 3.28
CA GLY B 156 23.44 -3.75 2.83
C GLY B 156 23.38 -5.04 3.66
N VAL B 157 24.18 -5.12 4.72
CA VAL B 157 24.21 -6.31 5.61
C VAL B 157 23.96 -5.92 7.06
N GLY B 158 23.74 -6.91 7.91
CA GLY B 158 23.43 -6.64 9.32
C GLY B 158 24.60 -6.03 10.06
N ALA B 159 24.31 -5.08 10.95
CA ALA B 159 25.35 -4.52 11.78
C ALA B 159 25.30 -5.19 13.14
N PRO B 160 26.47 -5.43 13.76
CA PRO B 160 26.55 -5.93 15.16
C PRO B 160 25.70 -5.11 16.16
N GLY B 161 24.74 -5.77 16.82
CA GLY B 161 23.86 -5.12 17.79
C GLY B 161 22.42 -4.96 17.32
N ALA B 162 22.17 -5.38 16.07
CA ALA B 162 20.91 -5.12 15.35
C ALA B 162 19.62 -5.47 16.11
N ARG B 163 19.33 -6.78 16.21
CA ARG B 163 18.08 -7.28 16.86
C ARG B 163 18.09 -7.17 18.40
N GLU B 164 18.55 -6.01 18.87
CA GLU B 164 18.65 -5.69 20.27
C GLU B 164 18.13 -4.26 20.54
N VAL B 165 17.92 -3.49 19.47
CA VAL B 165 17.39 -2.13 19.55
C VAL B 165 16.00 -2.12 20.21
N ASP B 166 15.79 -1.15 21.11
CA ASP B 166 14.52 -1.00 21.82
C ASP B 166 13.58 0.02 21.14
N LEU B 167 12.49 -0.46 20.56
CA LEU B 167 11.49 0.41 19.93
C LEU B 167 10.16 0.50 20.69
N SER B 168 10.18 0.28 22.00
CA SER B 168 8.94 0.33 22.80
C SER B 168 8.32 1.74 22.90
N ASP B 169 9.15 2.77 22.85
CA ASP B 169 8.68 4.17 22.85
C ASP B 169 7.82 4.47 21.63
N ALA B 170 6.87 5.39 21.80
CA ALA B 170 5.90 5.71 20.76
C ALA B 170 6.51 6.42 19.54
N ASP B 171 7.59 7.17 19.76
CA ASP B 171 8.27 7.87 18.67
C ASP B 171 9.37 6.99 18.11
N ILE B 172 9.36 6.87 16.78
CA ILE B 172 10.30 6.00 16.08
C ILE B 172 10.81 6.66 14.82
N ASP B 173 12.13 6.80 14.70
CA ASP B 173 12.70 7.28 13.46
C ASP B 173 13.39 6.16 12.73
N ILE B 174 13.00 5.99 11.48
CA ILE B 174 13.73 5.12 10.55
C ILE B 174 14.52 6.06 9.66
N THR B 175 15.82 5.86 9.60
CA THR B 175 16.68 6.63 8.70
C THR B 175 17.39 5.67 7.75
N VAL B 176 17.23 5.90 6.44
CA VAL B 176 17.80 5.04 5.41
C VAL B 176 18.72 5.86 4.51
N ASP B 177 20.00 5.51 4.46
CA ASP B 177 20.92 6.18 3.56
C ASP B 177 21.20 5.30 2.33
N LEU B 178 21.05 5.88 1.14
CA LEU B 178 21.23 5.10 -0.07
C LEU B 178 22.67 5.11 -0.59
N GLY B 179 23.47 6.08 -0.14
CA GLY B 179 24.88 6.18 -0.52
C GLY B 179 25.18 6.42 -2.00
N VAL B 180 24.24 6.98 -2.74
CA VAL B 180 24.41 7.20 -4.18
C VAL B 180 24.12 8.64 -4.62
N GLY B 181 24.10 9.57 -3.66
CA GLY B 181 23.98 11.00 -3.95
C GLY B 181 23.75 11.81 -2.69
N ASP B 182 23.16 13.00 -2.85
CA ASP B 182 22.90 13.87 -1.70
C ASP B 182 21.42 14.29 -1.57
N GLY B 183 20.54 13.56 -2.26
CA GLY B 183 19.10 13.75 -2.12
C GLY B 183 18.56 13.20 -0.81
N GLN B 184 17.62 13.94 -0.22
CA GLN B 184 16.98 13.47 1.01
C GLN B 184 15.55 13.97 1.14
N ALA B 185 14.77 13.26 1.94
CA ALA B 185 13.36 13.55 2.14
C ALA B 185 12.86 12.81 3.38
N ARG B 186 11.73 13.27 3.91
CA ARG B 186 11.19 12.78 5.17
C ARG B 186 9.66 12.68 5.13
N ILE B 187 9.14 11.49 5.42
CA ILE B 187 7.69 11.24 5.51
C ILE B 187 7.24 11.07 6.97
N ARG B 188 6.07 11.63 7.30
CA ARG B 188 5.40 11.32 8.57
C ARG B 188 4.41 10.22 8.33
N THR B 189 4.58 9.11 9.05
CA THR B 189 3.61 8.02 8.98
C THR B 189 3.29 7.45 10.36
N THR B 190 2.50 6.38 10.39
CA THR B 190 2.12 5.70 11.61
C THR B 190 2.08 4.19 11.38
N ASP B 191 1.97 3.42 12.46
CA ASP B 191 2.01 1.97 12.38
C ASP B 191 0.68 1.38 11.95
N LEU B 192 0.68 0.10 11.58
CA LEU B 192 -0.56 -0.61 11.26
C LEU B 192 -0.93 -1.51 12.43
N SER B 193 -1.91 -1.06 13.20
CA SER B 193 -2.24 -1.70 14.45
C SER B 193 -3.61 -2.36 14.39
N HIS B 194 -3.96 -3.05 15.48
CA HIS B 194 -5.30 -3.65 15.63
C HIS B 194 -6.41 -2.60 15.61
N ALA B 195 -6.19 -1.50 16.32
CA ALA B 195 -7.17 -0.40 16.38
C ALA B 195 -7.46 0.20 15.00
N TYR B 196 -6.43 0.32 14.16
CA TYR B 196 -6.66 0.83 12.81
C TYR B 196 -7.58 -0.09 12.03
N VAL B 197 -7.31 -1.39 12.10
CA VAL B 197 -8.15 -2.39 11.43
C VAL B 197 -9.57 -2.35 11.99
N GLU B 198 -9.68 -2.35 13.32
CA GLU B 198 -10.96 -2.28 14.05
C GLU B 198 -11.82 -1.07 13.63
N GLU B 199 -11.23 0.13 13.70
CA GLU B 199 -11.91 1.36 13.32
C GLU B 199 -12.40 1.37 11.88
N ASN B 200 -11.67 0.71 11.00
CA ASN B 200 -12.02 0.70 9.58
C ASN B 200 -12.80 -0.54 9.11
N SER B 201 -13.15 -1.42 10.05
CA SER B 201 -13.90 -2.62 9.71
C SER B 201 -15.20 -2.85 10.52
N ALA B 202 -15.25 -2.34 11.75
CA ALA B 202 -16.41 -2.58 12.62
C ALA B 202 -17.65 -1.78 12.18
N TYR B 203 -17.44 -0.56 11.68
CA TYR B 203 -18.50 0.30 11.19
C TYR B 203 -18.09 0.95 9.84
N SER B 204 -19.02 1.68 9.22
CA SER B 204 -18.72 2.43 7.98
C SER B 204 -18.15 3.82 8.25
N SER B 205 -17.10 4.18 7.51
CA SER B 205 -16.58 5.55 7.48
C SER B 205 -15.82 5.83 6.18
N THR C 7 -9.30 -37.39 -21.17
CA THR C 7 -9.70 -36.10 -20.52
C THR C 7 -8.59 -35.54 -19.62
N THR C 8 -8.23 -34.29 -19.87
CA THR C 8 -7.17 -33.60 -19.13
C THR C 8 -7.60 -33.21 -17.71
N ARG C 9 -7.09 -33.95 -16.73
CA ARG C 9 -7.48 -33.76 -15.33
C ARG C 9 -6.42 -33.04 -14.48
N LEU C 10 -6.85 -31.95 -13.85
CA LEU C 10 -6.01 -31.13 -12.98
C LEU C 10 -6.24 -31.56 -11.52
N LEU C 11 -5.20 -32.05 -10.85
CA LEU C 11 -5.37 -32.69 -9.54
C LEU C 11 -4.52 -32.15 -8.38
N ARG C 12 -5.20 -31.83 -7.28
CA ARG C 12 -4.53 -31.40 -6.05
C ARG C 12 -4.02 -32.57 -5.21
N ALA C 13 -3.29 -32.26 -4.13
CA ALA C 13 -2.56 -33.26 -3.31
C ALA C 13 -1.47 -34.04 -4.08
N GLN C 14 -1.28 -33.71 -5.36
CA GLN C 14 -0.28 -34.29 -6.24
C GLN C 14 0.75 -33.24 -6.64
N GLY C 15 2.04 -33.53 -6.42
CA GLY C 15 3.08 -32.52 -6.58
C GLY C 15 4.10 -32.68 -7.70
N VAL C 16 5.36 -32.39 -7.36
CA VAL C 16 6.47 -32.41 -8.32
C VAL C 16 6.89 -33.83 -8.76
N THR C 17 6.55 -34.82 -7.93
CA THR C 17 6.85 -36.23 -8.20
C THR C 17 5.80 -36.93 -9.06
N ALA C 18 4.72 -36.22 -9.40
CA ALA C 18 3.68 -36.78 -10.27
C ALA C 18 4.17 -37.11 -11.69
N PRO C 19 4.95 -36.20 -12.33
CA PRO C 19 5.48 -36.63 -13.63
C PRO C 19 6.66 -37.60 -13.46
N ALA C 20 7.11 -38.18 -14.56
CA ALA C 20 8.21 -39.15 -14.52
C ALA C 20 9.57 -38.46 -14.64
N GLY C 21 10.60 -39.14 -14.15
CA GLY C 21 11.97 -38.62 -14.17
C GLY C 21 12.25 -37.58 -13.08
N PHE C 22 11.61 -37.74 -11.92
CA PHE C 22 11.78 -36.81 -10.80
C PHE C 22 11.70 -37.50 -9.43
N ARG C 23 12.70 -37.26 -8.59
CA ARG C 23 12.64 -37.66 -7.16
C ARG C 23 12.49 -36.40 -6.30
N ALA C 24 11.97 -36.56 -5.09
CA ALA C 24 11.92 -35.47 -4.10
C ALA C 24 11.78 -36.02 -2.69
N ALA C 25 12.21 -35.23 -1.71
CA ALA C 25 11.86 -35.50 -0.31
C ALA C 25 11.98 -34.21 0.47
N GLY C 26 11.81 -34.34 1.78
CA GLY C 26 11.91 -33.21 2.68
C GLY C 26 12.27 -33.70 4.05
N VAL C 27 13.15 -32.97 4.72
CA VAL C 27 13.69 -33.40 6.00
C VAL C 27 13.67 -32.29 7.04
N ALA C 28 13.70 -32.69 8.31
CA ALA C 28 13.90 -31.78 9.43
C ALA C 28 15.41 -31.69 9.74
N ALA C 29 16.10 -30.82 8.99
CA ALA C 29 17.52 -30.56 9.20
C ALA C 29 17.79 -29.85 10.52
N GLY C 30 16.80 -29.13 11.05
CA GLY C 30 16.97 -28.39 12.29
C GLY C 30 17.23 -26.90 12.14
N ILE C 31 17.11 -26.39 10.89
CA ILE C 31 17.14 -24.95 10.62
C ILE C 31 16.03 -24.22 11.39
N LYS C 32 14.80 -24.71 11.29
CA LYS C 32 13.69 -24.21 12.10
C LYS C 32 13.82 -24.74 13.50
N ALA C 33 13.64 -23.86 14.48
CA ALA C 33 13.70 -24.23 15.89
C ALA C 33 12.64 -25.28 16.25
N SER C 34 11.46 -25.11 15.67
CA SER C 34 10.30 -25.97 15.90
C SER C 34 10.60 -27.44 15.67
N GLY C 35 11.63 -27.71 14.87
CA GLY C 35 11.97 -29.07 14.48
C GLY C 35 11.10 -29.54 13.34
N ALA C 36 10.27 -28.66 12.80
CA ALA C 36 9.42 -28.99 11.65
C ALA C 36 10.26 -29.29 10.41
N LEU C 37 9.64 -29.87 9.38
CA LEU C 37 10.29 -30.04 8.08
C LEU C 37 10.72 -28.70 7.48
N ASP C 38 12.00 -28.59 7.13
CA ASP C 38 12.55 -27.28 6.67
C ASP C 38 13.49 -27.33 5.45
N LEU C 39 13.87 -28.52 5.02
CA LEU C 39 14.73 -28.65 3.87
C LEU C 39 14.16 -29.61 2.85
N ALA C 40 14.20 -29.18 1.58
CA ALA C 40 13.56 -29.90 0.49
C ALA C 40 14.44 -30.00 -0.75
N LEU C 41 14.42 -31.17 -1.38
CA LEU C 41 15.14 -31.39 -2.62
C LEU C 41 14.17 -31.84 -3.69
N VAL C 42 14.43 -31.38 -4.91
CA VAL C 42 13.81 -31.88 -6.13
C VAL C 42 14.97 -32.36 -6.99
N PHE C 43 14.79 -33.49 -7.67
CA PHE C 43 15.87 -34.13 -8.41
C PHE C 43 15.44 -34.60 -9.80
N ASN C 44 15.98 -33.95 -10.83
CA ASN C 44 15.78 -34.36 -12.22
C ASN C 44 16.59 -35.64 -12.50
N GLU C 45 15.90 -36.68 -12.94
CA GLU C 45 16.51 -37.98 -13.21
C GLU C 45 16.92 -38.21 -14.68
N GLY C 46 16.77 -37.19 -15.52
CA GLY C 46 17.06 -37.33 -16.95
C GLY C 46 15.96 -38.11 -17.65
N PRO C 47 16.12 -38.40 -18.95
CA PRO C 47 17.27 -38.14 -19.83
C PRO C 47 17.55 -36.68 -20.11
N ASP C 48 16.50 -35.87 -20.21
CA ASP C 48 16.64 -34.44 -20.47
C ASP C 48 16.86 -33.64 -19.19
N TYR C 49 17.49 -32.47 -19.36
CA TYR C 49 17.84 -31.61 -18.22
C TYR C 49 17.49 -30.13 -18.44
N ALA C 50 16.54 -29.87 -19.34
CA ALA C 50 16.07 -28.52 -19.68
C ALA C 50 15.41 -27.78 -18.49
N ALA C 51 15.56 -26.46 -18.48
CA ALA C 51 15.09 -25.65 -17.36
C ALA C 51 14.89 -24.19 -17.76
N ALA C 52 13.91 -23.57 -17.12
CA ALA C 52 13.69 -22.14 -17.22
C ALA C 52 13.41 -21.58 -15.82
N GLY C 53 13.76 -20.30 -15.64
CA GLY C 53 13.48 -19.62 -14.40
C GLY C 53 13.10 -18.17 -14.59
N VAL C 54 12.28 -17.66 -13.67
CA VAL C 54 11.98 -16.24 -13.51
C VAL C 54 12.09 -15.88 -12.03
N PHE C 55 12.43 -14.61 -11.78
CA PHE C 55 12.90 -14.18 -10.48
C PHE C 55 12.39 -12.79 -10.15
N THR C 56 12.27 -12.54 -8.83
CA THR C 56 11.91 -11.23 -8.28
C THR C 56 12.66 -10.08 -8.91
N ARG C 57 11.94 -9.01 -9.23
CA ARG C 57 12.55 -7.82 -9.84
C ARG C 57 12.99 -6.79 -8.82
N ASN C 58 12.75 -7.08 -7.55
CA ASN C 58 13.26 -6.31 -6.43
C ASN C 58 14.77 -6.16 -6.55
N GLN C 59 15.26 -4.94 -6.37
CA GLN C 59 16.70 -4.67 -6.48
C GLN C 59 17.51 -5.23 -5.30
N VAL C 60 16.86 -5.52 -4.18
CA VAL C 60 17.50 -6.30 -3.14
C VAL C 60 17.16 -7.76 -3.45
N LYS C 61 18.16 -8.48 -3.97
CA LYS C 61 18.01 -9.88 -4.35
C LYS C 61 18.91 -10.69 -3.43
N ALA C 62 18.35 -11.72 -2.80
CA ALA C 62 19.12 -12.62 -1.92
C ALA C 62 20.11 -13.47 -2.72
N ALA C 63 21.18 -13.88 -2.05
CA ALA C 63 22.22 -14.73 -2.66
C ALA C 63 21.66 -15.94 -3.44
N PRO C 64 20.74 -16.72 -2.81
CA PRO C 64 20.15 -17.85 -3.54
C PRO C 64 19.59 -17.46 -4.91
N VAL C 65 19.01 -16.27 -5.01
CA VAL C 65 18.46 -15.78 -6.27
C VAL C 65 19.55 -15.42 -7.26
N LEU C 66 20.55 -14.66 -6.80
CA LEU C 66 21.64 -14.22 -7.67
C LEU C 66 22.43 -15.43 -8.22
N TRP C 67 22.61 -16.43 -7.37
CA TRP C 67 23.23 -17.70 -7.76
C TRP C 67 22.39 -18.43 -8.83
N THR C 68 21.14 -18.73 -8.48
CA THR C 68 20.22 -19.47 -9.35
C THR C 68 20.01 -18.76 -10.69
N GLN C 69 20.08 -17.43 -10.70
CA GLN C 69 20.02 -16.63 -11.93
C GLN C 69 21.21 -16.85 -12.85
N GLN C 70 22.38 -17.14 -12.26
CA GLN C 70 23.61 -17.39 -13.01
C GLN C 70 23.59 -18.80 -13.58
N VAL C 71 23.31 -19.75 -12.69
CA VAL C 71 23.08 -21.15 -13.07
C VAL C 71 22.16 -21.26 -14.30
N LEU C 72 21.00 -20.59 -14.22
CA LEU C 72 19.95 -20.70 -15.25
C LEU C 72 20.27 -20.13 -16.63
N THR C 73 21.42 -19.45 -16.76
CA THR C 73 21.87 -18.94 -18.06
C THR C 73 22.32 -20.09 -18.98
N THR C 74 22.43 -21.29 -18.40
CA THR C 74 22.83 -22.50 -19.13
C THR C 74 21.65 -23.37 -19.60
N GLY C 75 20.44 -23.04 -19.17
CA GLY C 75 19.26 -23.83 -19.53
C GLY C 75 19.24 -25.26 -19.00
N ARG C 76 20.19 -25.58 -18.12
CA ARG C 76 20.32 -26.93 -17.57
C ARG C 76 20.11 -26.93 -16.06
N LEU C 77 19.51 -28.01 -15.55
CA LEU C 77 19.41 -28.26 -14.11
C LEU C 77 19.32 -29.75 -13.80
N ARG C 78 20.07 -30.20 -12.82
CA ARG C 78 19.91 -31.55 -12.32
C ARG C 78 18.99 -31.55 -11.11
N ALA C 79 19.09 -30.49 -10.32
CA ALA C 79 18.32 -30.39 -9.09
C ALA C 79 18.01 -28.96 -8.65
N VAL C 80 17.30 -28.89 -7.54
CA VAL C 80 16.93 -27.67 -6.87
C VAL C 80 16.96 -28.03 -5.40
N ILE C 81 17.71 -27.26 -4.62
CA ILE C 81 17.68 -27.41 -3.17
C ILE C 81 16.99 -26.15 -2.61
N LEU C 82 16.11 -26.35 -1.62
CA LEU C 82 15.34 -25.24 -1.05
C LEU C 82 15.23 -25.41 0.46
N ASN C 83 15.58 -24.36 1.20
CA ASN C 83 15.36 -24.36 2.65
C ASN C 83 14.35 -23.30 3.08
N SER C 84 13.66 -23.55 4.17
CA SER C 84 12.93 -22.51 4.88
C SER C 84 13.63 -22.32 6.24
N GLY C 85 13.20 -21.35 7.03
CA GLY C 85 13.90 -21.01 8.29
C GLY C 85 15.09 -20.05 8.09
N GLY C 86 15.21 -19.48 6.90
CA GLY C 86 16.25 -18.51 6.56
C GLY C 86 16.23 -18.14 5.08
N ALA C 87 16.09 -16.85 4.79
CA ALA C 87 16.08 -16.36 3.42
C ALA C 87 17.47 -16.15 2.86
N ASN C 88 18.48 -16.12 3.74
CA ASN C 88 19.87 -15.87 3.31
C ASN C 88 19.97 -14.62 2.42
N ALA C 89 19.24 -13.57 2.83
CA ALA C 89 19.18 -12.31 2.08
C ALA C 89 19.86 -11.21 2.86
N CYS C 90 20.51 -10.29 2.15
CA CYS C 90 21.31 -9.23 2.78
C CYS C 90 22.40 -9.82 3.69
N THR C 91 23.14 -10.79 3.17
CA THR C 91 24.13 -11.51 3.97
C THR C 91 25.55 -11.38 3.39
N GLY C 92 25.68 -10.55 2.37
CA GLY C 92 26.99 -10.22 1.79
C GLY C 92 27.70 -11.35 1.07
N PRO C 93 28.99 -11.15 0.72
CA PRO C 93 29.84 -12.14 0.04
C PRO C 93 29.83 -13.50 0.73
N ALA C 94 29.83 -13.50 2.06
CA ALA C 94 29.83 -14.72 2.84
C ALA C 94 28.52 -15.48 2.63
N GLY C 95 27.41 -14.76 2.68
CA GLY C 95 26.10 -15.31 2.38
C GLY C 95 26.04 -15.97 1.02
N PHE C 96 26.52 -15.27 -0.01
CA PHE C 96 26.62 -15.83 -1.35
C PHE C 96 27.49 -17.09 -1.39
N ALA C 97 28.47 -17.16 -0.50
CA ALA C 97 29.34 -18.32 -0.41
C ALA C 97 28.65 -19.50 0.26
N ASP C 98 27.74 -19.22 1.21
CA ASP C 98 26.92 -20.26 1.84
C ASP C 98 26.05 -20.97 0.80
N THR C 99 25.48 -20.16 -0.09
CA THR C 99 24.68 -20.62 -1.22
C THR C 99 25.49 -21.52 -2.15
N HIS C 100 26.71 -21.09 -2.45
CA HIS C 100 27.61 -21.85 -3.29
C HIS C 100 27.98 -23.18 -2.64
N ALA C 101 28.30 -23.13 -1.35
CA ALA C 101 28.62 -24.32 -0.55
C ALA C 101 27.45 -25.28 -0.39
N THR C 102 26.23 -24.75 -0.48
CA THR C 102 25.03 -25.58 -0.54
C THR C 102 24.95 -26.28 -1.90
N ALA C 103 25.14 -25.52 -2.98
CA ALA C 103 25.13 -26.07 -4.34
C ALA C 103 26.21 -27.14 -4.53
N GLU C 104 27.29 -27.03 -3.77
CA GLU C 104 28.41 -27.94 -3.92
C GLU C 104 28.22 -29.21 -3.08
N ALA C 105 27.68 -29.06 -1.86
CA ALA C 105 27.38 -30.21 -1.01
C ALA C 105 26.26 -31.10 -1.59
N VAL C 106 25.31 -30.47 -2.30
CA VAL C 106 24.27 -31.19 -3.02
C VAL C 106 24.89 -31.98 -4.20
N ALA C 107 25.64 -31.28 -5.05
CA ALA C 107 26.35 -31.88 -6.18
C ALA C 107 27.22 -33.09 -5.76
N ALA C 108 27.97 -32.92 -4.68
CA ALA C 108 28.74 -34.02 -4.08
C ALA C 108 27.86 -35.18 -3.57
N ALA C 109 26.84 -34.88 -2.78
CA ALA C 109 25.94 -35.90 -2.24
C ALA C 109 25.25 -36.73 -3.35
N LEU C 110 25.06 -36.12 -4.53
CA LEU C 110 24.46 -36.79 -5.69
C LEU C 110 25.47 -37.68 -6.43
N SER C 111 26.71 -37.23 -6.47
CA SER C 111 27.83 -37.99 -7.02
C SER C 111 28.10 -39.24 -6.18
N ASP C 112 28.02 -39.09 -4.85
CA ASP C 112 28.13 -40.22 -3.92
C ASP C 112 26.88 -41.13 -3.92
N TRP C 113 25.79 -40.65 -4.52
CA TRP C 113 24.54 -41.41 -4.60
C TRP C 113 24.49 -42.20 -5.91
N GLY C 114 25.11 -41.65 -6.96
CA GLY C 114 25.26 -42.38 -8.20
C GLY C 114 25.33 -41.55 -9.46
N THR C 115 25.04 -40.25 -9.35
CA THR C 115 25.04 -39.39 -10.54
C THR C 115 26.13 -38.34 -10.46
N GLU C 116 26.85 -38.19 -11.57
CA GLU C 116 27.96 -37.25 -11.63
C GLU C 116 27.44 -35.80 -11.74
N THR C 117 27.32 -35.15 -10.58
CA THR C 117 26.78 -33.80 -10.45
C THR C 117 27.81 -32.82 -9.88
N GLY C 118 28.01 -31.72 -10.59
CA GLY C 118 28.76 -30.56 -10.07
C GLY C 118 27.86 -29.44 -9.60
N ALA C 119 28.46 -28.40 -9.01
CA ALA C 119 27.73 -27.30 -8.35
C ALA C 119 26.88 -26.44 -9.27
N ILE C 120 27.32 -26.28 -10.52
CA ILE C 120 26.66 -25.38 -11.47
C ILE C 120 25.37 -25.98 -12.07
N GLU C 121 24.93 -27.09 -11.49
CA GLU C 121 23.76 -27.83 -11.99
C GLU C 121 22.68 -27.83 -10.91
N VAL C 122 23.00 -27.26 -9.75
CA VAL C 122 22.11 -27.26 -8.60
C VAL C 122 21.60 -25.84 -8.35
N ALA C 123 20.28 -25.66 -8.42
CA ALA C 123 19.64 -24.38 -8.11
C ALA C 123 19.35 -24.28 -6.62
N VAL C 124 19.52 -23.07 -6.08
CA VAL C 124 19.31 -22.85 -4.65
C VAL C 124 18.19 -21.83 -4.39
N CYS C 125 17.33 -22.17 -3.43
CA CYS C 125 16.24 -21.30 -3.01
C CYS C 125 16.18 -21.26 -1.52
N SER C 126 15.85 -20.08 -0.99
CA SER C 126 15.66 -19.92 0.44
C SER C 126 14.43 -19.06 0.72
N THR C 127 13.85 -19.24 1.90
CA THR C 127 12.76 -18.42 2.37
C THR C 127 12.77 -18.36 3.90
N GLY C 128 12.28 -17.24 4.44
CA GLY C 128 12.28 -16.99 5.88
C GLY C 128 12.69 -15.57 6.20
N LEU C 129 13.27 -15.38 7.39
CA LEU C 129 13.75 -14.07 7.85
C LEU C 129 14.88 -13.52 6.97
N ILE C 130 14.88 -12.20 6.78
CA ILE C 130 15.96 -11.53 6.07
C ILE C 130 17.04 -11.04 7.04
N GLY C 131 18.30 -11.21 6.67
CA GLY C 131 19.41 -10.64 7.43
C GLY C 131 20.22 -11.58 8.28
N ASP C 132 19.71 -12.80 8.47
CA ASP C 132 20.41 -13.82 9.26
C ASP C 132 21.26 -14.72 8.37
N ARG C 133 22.28 -15.31 8.97
CA ARG C 133 23.11 -16.30 8.30
C ARG C 133 22.51 -17.69 8.53
N LEU C 134 22.55 -18.54 7.50
CA LEU C 134 22.11 -19.94 7.59
C LEU C 134 22.99 -20.71 8.59
N PRO C 135 22.37 -21.61 9.38
CA PRO C 135 23.16 -22.48 10.26
C PRO C 135 23.74 -23.65 9.44
N MET C 136 24.92 -23.42 8.88
CA MET C 136 25.47 -24.29 7.83
C MET C 136 25.75 -25.74 8.20
N ASP C 137 26.17 -26.01 9.43
CA ASP C 137 26.43 -27.38 9.84
C ASP C 137 25.17 -28.25 9.86
N LYS C 138 24.03 -27.66 10.25
CA LYS C 138 22.74 -28.33 10.12
C LYS C 138 22.35 -28.51 8.65
N LEU C 139 22.53 -27.46 7.85
CA LEU C 139 22.11 -27.49 6.44
C LEU C 139 22.90 -28.50 5.63
N LEU C 140 24.21 -28.56 5.84
CA LEU C 140 25.04 -29.48 5.08
C LEU C 140 24.73 -30.92 5.45
N ALA C 141 24.43 -31.15 6.73
CA ALA C 141 24.00 -32.46 7.21
C ALA C 141 22.60 -32.79 6.70
N GLY C 142 21.76 -31.77 6.58
CA GLY C 142 20.46 -31.91 5.93
C GLY C 142 20.59 -32.40 4.49
N VAL C 143 21.57 -31.87 3.77
CA VAL C 143 21.77 -32.23 2.36
C VAL C 143 22.07 -33.73 2.15
N ALA C 144 22.93 -34.28 3.00
CA ALA C 144 23.28 -35.70 2.95
C ALA C 144 22.04 -36.58 3.15
N HIS C 145 21.29 -36.26 4.21
CA HIS C 145 20.10 -36.96 4.60
C HIS C 145 18.96 -36.88 3.56
N VAL C 146 18.74 -35.69 3.00
CA VAL C 146 17.68 -35.50 2.02
C VAL C 146 17.98 -36.16 0.69
N VAL C 147 19.25 -36.21 0.29
CA VAL C 147 19.66 -36.89 -0.94
C VAL C 147 19.44 -38.40 -0.80
N HIS C 148 19.74 -38.90 0.40
CA HIS C 148 19.57 -40.31 0.76
C HIS C 148 18.08 -40.72 0.76
N GLU C 149 17.20 -39.78 1.10
CA GLU C 149 15.78 -40.08 1.30
C GLU C 149 14.87 -39.82 0.10
N MET C 150 15.43 -39.35 -1.01
CA MET C 150 14.61 -38.96 -2.17
C MET C 150 14.07 -40.16 -2.95
N HIS C 151 12.80 -40.10 -3.34
CA HIS C 151 12.16 -41.16 -4.13
C HIS C 151 11.15 -40.60 -5.13
N GLY C 152 10.81 -41.41 -6.13
CA GLY C 152 9.89 -41.00 -7.20
C GLY C 152 8.41 -40.99 -6.83
N GLY C 153 8.10 -41.51 -5.63
CA GLY C 153 6.72 -41.65 -5.14
C GLY C 153 6.08 -40.34 -4.69
N LEU C 154 4.75 -40.35 -4.62
CA LEU C 154 3.98 -39.13 -4.32
C LEU C 154 4.31 -38.51 -2.96
N VAL C 155 4.51 -39.36 -1.94
CA VAL C 155 4.88 -38.88 -0.59
C VAL C 155 6.21 -38.10 -0.61
N GLY C 156 6.94 -38.17 -1.73
CA GLY C 156 8.15 -37.39 -1.95
C GLY C 156 7.87 -35.93 -2.30
N GLY C 157 6.93 -35.72 -3.22
CA GLY C 157 6.45 -34.38 -3.53
C GLY C 157 5.91 -33.75 -2.27
N ASP C 158 5.22 -34.56 -1.48
CA ASP C 158 4.59 -34.09 -0.25
C ASP C 158 5.52 -33.56 0.83
N GLU C 159 6.53 -34.36 1.20
CA GLU C 159 7.49 -33.97 2.24
C GLU C 159 8.19 -32.68 1.85
N ALA C 160 8.50 -32.58 0.55
CA ALA C 160 9.13 -31.41 -0.05
C ALA C 160 8.24 -30.18 0.03
N ALA C 161 6.98 -30.33 -0.40
CA ALA C 161 6.01 -29.23 -0.37
C ALA C 161 5.79 -28.75 1.06
N HIS C 162 5.74 -29.70 2.00
CA HIS C 162 5.71 -29.41 3.43
C HIS C 162 6.96 -28.68 3.94
N ALA C 163 8.13 -29.06 3.44
CA ALA C 163 9.40 -28.53 3.96
C ALA C 163 9.69 -27.07 3.54
N ILE C 164 9.07 -26.60 2.46
CA ILE C 164 9.31 -25.24 1.95
C ILE C 164 8.43 -24.16 2.61
N MET C 165 7.52 -24.59 3.48
CA MET C 165 6.58 -23.69 4.12
C MET C 165 7.25 -22.82 5.18
N THR C 166 6.81 -21.56 5.28
CA THR C 166 7.20 -20.70 6.39
C THR C 166 5.96 -20.40 7.25
N THR C 167 5.20 -19.37 6.89
CA THR C 167 4.00 -18.99 7.64
C THR C 167 2.73 -19.68 7.08
N ASP C 168 2.90 -20.50 6.05
CA ASP C 168 1.82 -21.34 5.49
C ASP C 168 1.24 -22.26 6.56
N ASN C 169 -0.06 -22.55 6.47
CA ASN C 169 -0.67 -23.56 7.33
C ASN C 169 -0.80 -24.87 6.61
N VAL C 170 -0.84 -24.80 5.29
CA VAL C 170 -1.00 -25.97 4.43
C VAL C 170 -0.14 -25.81 3.19
N PRO C 171 0.36 -26.92 2.64
CA PRO C 171 1.17 -26.88 1.42
C PRO C 171 0.33 -26.60 0.20
N LYS C 172 0.99 -26.29 -0.92
CA LYS C 172 0.28 -26.01 -2.15
C LYS C 172 0.81 -26.91 -3.26
N GLN C 173 -0.02 -27.86 -3.68
CA GLN C 173 0.35 -28.84 -4.70
C GLN C 173 -0.72 -28.98 -5.79
N VAL C 174 -0.26 -29.11 -7.03
CA VAL C 174 -1.13 -29.49 -8.14
C VAL C 174 -0.36 -30.16 -9.29
N ALA C 175 -1.03 -31.07 -9.99
CA ALA C 175 -0.47 -31.74 -11.14
C ALA C 175 -1.50 -31.94 -12.24
N LEU C 176 -1.10 -31.58 -13.46
CA LEU C 176 -1.92 -31.77 -14.63
C LEU C 176 -1.44 -33.01 -15.41
N HIS C 177 -2.32 -34.00 -15.55
CA HIS C 177 -2.06 -35.17 -16.39
C HIS C 177 -2.74 -34.91 -17.72
N HIS C 178 -1.95 -34.54 -18.73
CA HIS C 178 -2.48 -34.30 -20.06
C HIS C 178 -2.83 -35.61 -20.76
N HIS C 179 -3.83 -35.58 -21.64
CA HIS C 179 -4.29 -36.79 -22.34
C HIS C 179 -3.30 -37.41 -23.35
N ASP C 180 -2.28 -36.66 -23.77
CA ASP C 180 -1.24 -37.23 -24.64
C ASP C 180 -0.12 -37.93 -23.84
N ASN C 181 -0.44 -38.23 -22.59
CA ASN C 181 0.40 -39.00 -21.66
C ASN C 181 1.68 -38.32 -21.12
N TRP C 182 1.55 -37.04 -20.76
CA TRP C 182 2.60 -36.32 -20.01
C TRP C 182 2.01 -35.45 -18.89
N THR C 183 2.85 -35.14 -17.91
CA THR C 183 2.37 -34.52 -16.69
C THR C 183 3.21 -33.31 -16.29
N VAL C 184 2.53 -32.24 -15.91
CA VAL C 184 3.15 -31.09 -15.25
C VAL C 184 2.69 -31.05 -13.78
N GLY C 185 3.66 -31.08 -12.87
CA GLY C 185 3.40 -31.02 -11.43
C GLY C 185 3.97 -29.76 -10.79
N GLY C 186 3.43 -29.39 -9.63
CA GLY C 186 3.83 -28.13 -9.01
C GLY C 186 3.67 -28.11 -7.50
N MET C 187 4.67 -27.51 -6.86
CA MET C 187 4.55 -27.10 -5.47
C MET C 187 4.93 -25.63 -5.37
N ALA C 188 4.27 -24.92 -4.47
CA ALA C 188 4.62 -23.52 -4.20
C ALA C 188 4.42 -23.24 -2.72
N LYS C 189 4.97 -22.13 -2.25
CA LYS C 189 4.75 -21.70 -0.87
C LYS C 189 4.55 -20.20 -0.82
N GLY C 190 4.07 -19.70 0.32
CA GLY C 190 4.01 -18.26 0.56
C GLY C 190 2.65 -17.72 0.95
N ALA C 191 2.60 -17.07 2.10
CA ALA C 191 1.37 -16.57 2.68
C ALA C 191 1.43 -15.06 2.93
N GLY C 192 2.64 -14.56 3.13
CA GLY C 192 2.91 -13.14 3.42
C GLY C 192 4.17 -12.65 2.74
N MET C 193 4.28 -11.33 2.56
CA MET C 193 5.27 -10.71 1.66
C MET C 193 5.13 -11.37 0.30
N LEU C 194 3.95 -11.19 -0.28
CA LEU C 194 3.50 -12.00 -1.38
C LEU C 194 2.84 -11.12 -2.45
N ALA C 195 3.67 -10.61 -3.36
CA ALA C 195 3.19 -9.79 -4.45
C ALA C 195 4.23 -9.85 -5.57
N PRO C 196 4.35 -11.03 -6.22
CA PRO C 196 5.41 -11.32 -7.17
C PRO C 196 5.47 -10.38 -8.35
N SER C 197 6.67 -9.87 -8.61
CA SER C 197 6.93 -9.08 -9.80
C SER C 197 8.11 -9.77 -10.46
N LEU C 198 7.79 -10.67 -11.38
CA LEU C 198 8.74 -11.67 -11.87
C LEU C 198 9.31 -11.32 -13.24
N ALA C 199 10.60 -11.59 -13.42
CA ALA C 199 11.22 -11.61 -14.75
C ALA C 199 12.50 -12.49 -14.76
N THR D 1 7.59 -14.32 0.82
CA THR D 1 8.27 -14.88 -0.36
C THR D 1 7.44 -15.99 -0.97
N MET D 2 7.43 -16.05 -2.30
CA MET D 2 6.75 -17.10 -3.03
C MET D 2 7.78 -17.93 -3.79
N LEU D 3 7.99 -19.17 -3.35
CA LEU D 3 8.83 -20.09 -4.10
C LEU D 3 7.96 -21.06 -4.86
N CYS D 4 8.35 -21.35 -6.10
CA CYS D 4 7.60 -22.30 -6.88
C CYS D 4 8.46 -23.15 -7.84
N VAL D 5 8.36 -24.46 -7.67
CA VAL D 5 9.02 -25.43 -8.55
C VAL D 5 7.98 -26.24 -9.34
N LEU D 6 8.11 -26.17 -10.66
CA LEU D 6 7.32 -26.93 -11.63
C LEU D 6 8.17 -27.99 -12.36
N THR D 7 7.72 -29.24 -12.32
CA THR D 7 8.38 -30.36 -13.00
C THR D 7 7.48 -30.89 -14.13
N THR D 8 8.10 -31.34 -15.21
CA THR D 8 7.36 -32.01 -16.30
C THR D 8 8.17 -33.14 -16.93
N ASP D 9 7.49 -34.23 -17.29
CA ASP D 9 8.14 -35.30 -18.06
C ASP D 9 7.88 -35.15 -19.56
N ALA D 10 7.19 -34.08 -19.94
CA ALA D 10 7.07 -33.70 -21.34
C ALA D 10 8.44 -33.31 -21.82
N ALA D 11 8.68 -33.45 -23.12
CA ALA D 11 9.98 -33.11 -23.68
C ALA D 11 9.99 -31.76 -24.40
N ALA D 12 10.78 -30.84 -23.89
CA ALA D 12 10.88 -29.50 -24.47
C ALA D 12 12.25 -28.91 -24.22
N GLU D 13 12.70 -28.06 -25.14
CA GLU D 13 13.96 -27.37 -24.97
C GLU D 13 13.82 -26.16 -24.04
N PRO D 14 14.94 -25.67 -23.46
CA PRO D 14 14.94 -24.46 -22.64
C PRO D 14 14.14 -23.27 -23.21
N ALA D 15 14.28 -22.95 -24.50
CA ALA D 15 13.49 -21.87 -25.12
C ALA D 15 11.97 -22.08 -24.97
N ALA D 16 11.53 -23.33 -25.16
CA ALA D 16 10.12 -23.68 -25.05
C ALA D 16 9.58 -23.57 -23.62
N LEU D 17 10.37 -24.01 -22.63
CA LEU D 17 9.99 -23.91 -21.22
C LEU D 17 9.94 -22.46 -20.75
N GLU D 18 10.84 -21.64 -21.30
CA GLU D 18 10.86 -20.22 -20.99
C GLU D 18 9.55 -19.55 -21.40
N ARG D 19 9.12 -19.84 -22.62
CA ARG D 19 7.85 -19.31 -23.14
C ARG D 19 6.69 -19.62 -22.19
N ALA D 20 6.57 -20.89 -21.81
CA ALA D 20 5.48 -21.34 -20.96
C ALA D 20 5.53 -20.73 -19.55
N LEU D 21 6.74 -20.54 -19.02
CA LEU D 21 6.91 -19.97 -17.69
C LEU D 21 6.67 -18.46 -17.67
N ARG D 22 7.12 -17.77 -18.72
CA ARG D 22 6.95 -16.32 -18.77
C ARG D 22 5.52 -15.90 -19.02
N ARG D 23 4.81 -16.64 -19.86
CA ARG D 23 3.41 -16.36 -20.09
C ARG D 23 2.56 -16.71 -18.88
N ALA D 24 2.88 -17.82 -18.21
CA ALA D 24 2.12 -18.24 -17.03
C ALA D 24 2.28 -17.28 -15.85
N ALA D 25 3.53 -16.96 -15.52
CA ALA D 25 3.85 -16.06 -14.41
C ALA D 25 3.22 -14.68 -14.59
N ALA D 26 3.32 -14.14 -15.82
CA ALA D 26 2.75 -12.85 -16.17
C ALA D 26 1.24 -12.79 -16.02
N ALA D 27 0.58 -13.93 -16.23
CA ALA D 27 -0.88 -13.99 -16.20
C ALA D 27 -1.41 -14.47 -14.85
N THR D 28 -0.54 -15.03 -14.01
CA THR D 28 -0.97 -15.57 -12.71
C THR D 28 -0.21 -14.96 -11.52
N PHE D 29 1.06 -15.31 -11.41
CA PHE D 29 1.91 -14.89 -10.29
C PHE D 29 2.05 -13.37 -10.19
N ASP D 30 2.29 -12.74 -11.35
CA ASP D 30 2.37 -11.28 -11.42
C ASP D 30 1.04 -10.59 -11.10
N ARG D 31 -0.05 -11.36 -11.04
CA ARG D 31 -1.38 -10.83 -10.73
C ARG D 31 -1.93 -11.36 -9.40
N LEU D 32 -1.05 -11.96 -8.61
CA LEU D 32 -1.39 -12.39 -7.27
C LEU D 32 -0.78 -11.36 -6.33
N ASP D 33 -1.63 -10.65 -5.62
CA ASP D 33 -1.17 -9.54 -4.79
C ASP D 33 -1.89 -9.59 -3.44
N ILE D 34 -1.26 -10.20 -2.45
CA ILE D 34 -1.88 -10.42 -1.15
C ILE D 34 -1.73 -9.25 -0.17
N ASP D 35 -0.52 -8.72 -0.02
CA ASP D 35 -0.29 -7.56 0.84
C ASP D 35 0.63 -6.48 0.26
N GLY D 36 0.80 -6.47 -1.06
CA GLY D 36 1.56 -5.44 -1.76
C GLY D 36 3.06 -5.42 -1.53
N SER D 37 3.58 -6.34 -0.71
CA SER D 37 5.01 -6.42 -0.39
C SER D 37 5.76 -7.48 -1.22
N CYS D 38 6.50 -7.03 -2.21
CA CYS D 38 7.26 -7.93 -3.04
C CYS D 38 8.59 -8.33 -2.36
N SER D 39 8.86 -9.63 -2.28
CA SER D 39 10.03 -10.11 -1.53
C SER D 39 11.38 -10.10 -2.28
N THR D 40 12.43 -10.42 -1.55
CA THR D 40 13.80 -10.43 -2.06
C THR D 40 14.25 -11.83 -2.53
N ASN D 41 13.33 -12.78 -2.57
CA ASN D 41 13.67 -14.19 -2.72
C ASN D 41 12.82 -14.97 -3.73
N ASP D 42 11.85 -14.29 -4.38
CA ASP D 42 10.87 -14.95 -5.25
C ASP D 42 11.49 -15.62 -6.49
N THR D 43 11.19 -16.91 -6.65
CA THR D 43 11.69 -17.72 -7.74
C THR D 43 10.61 -18.67 -8.24
N VAL D 44 10.45 -18.72 -9.57
CA VAL D 44 9.72 -19.84 -10.20
C VAL D 44 10.61 -20.61 -11.16
N LEU D 45 10.69 -21.93 -10.97
CA LEU D 45 11.54 -22.81 -11.77
C LEU D 45 10.73 -23.88 -12.49
N LEU D 46 11.00 -24.02 -13.79
CA LEU D 46 10.38 -25.06 -14.62
C LEU D 46 11.41 -26.06 -15.16
N LEU D 47 11.33 -27.30 -14.66
CA LEU D 47 12.29 -28.38 -15.00
C LEU D 47 11.64 -29.47 -15.85
N SER D 48 12.32 -29.87 -16.93
CA SER D 48 11.87 -30.95 -17.81
C SER D 48 12.78 -32.18 -17.79
N SER D 49 12.21 -33.35 -17.47
CA SER D 49 12.96 -34.61 -17.50
C SER D 49 12.84 -35.27 -18.87
N GLY D 50 11.77 -34.96 -19.59
CA GLY D 50 11.51 -35.51 -20.92
C GLY D 50 11.34 -37.03 -20.97
N ALA D 51 11.03 -37.62 -19.81
CA ALA D 51 10.97 -39.07 -19.62
C ALA D 51 9.78 -39.74 -20.31
N SER D 52 8.81 -38.93 -20.75
CA SER D 52 7.67 -39.42 -21.53
C SER D 52 8.01 -39.43 -23.03
N GLU D 53 9.06 -38.69 -23.39
CA GLU D 53 9.56 -38.65 -24.77
C GLU D 53 8.55 -38.12 -25.77
N ILE D 54 7.50 -37.47 -25.26
CA ILE D 54 6.52 -36.79 -26.11
C ILE D 54 6.85 -35.30 -26.13
N PRO D 55 7.07 -34.73 -27.34
CA PRO D 55 7.24 -33.27 -27.44
C PRO D 55 5.90 -32.58 -27.81
N PRO D 56 5.29 -31.84 -26.86
CA PRO D 56 3.99 -31.22 -27.16
C PRO D 56 4.14 -29.97 -28.04
N ALA D 57 3.08 -29.62 -28.76
CA ALA D 57 3.02 -28.35 -29.47
C ALA D 57 3.07 -27.22 -28.44
N GLN D 58 3.68 -26.10 -28.81
CA GLN D 58 3.94 -25.02 -27.88
C GLN D 58 2.72 -24.61 -27.04
N ALA D 59 1.58 -24.40 -27.71
CA ALA D 59 0.38 -23.92 -27.05
C ALA D 59 -0.12 -24.91 -25.98
N ASP D 60 0.18 -26.19 -26.15
CA ASP D 60 -0.22 -27.20 -25.18
C ASP D 60 0.69 -27.17 -23.95
N LEU D 61 1.97 -26.88 -24.19
CA LEU D 61 2.93 -26.63 -23.13
C LEU D 61 2.53 -25.36 -22.35
N ASP D 62 2.34 -24.25 -23.08
CA ASP D 62 1.90 -22.97 -22.47
C ASP D 62 0.68 -23.17 -21.59
N GLU D 63 -0.38 -23.68 -22.20
CA GLU D 63 -1.66 -23.86 -21.53
C GLU D 63 -1.55 -24.69 -20.24
N ALA D 64 -0.83 -25.80 -20.31
CA ALA D 64 -0.69 -26.69 -19.16
C ALA D 64 0.05 -26.03 -17.99
N VAL D 65 1.11 -25.28 -18.31
CA VAL D 65 1.87 -24.57 -17.28
C VAL D 65 0.98 -23.48 -16.65
N LEU D 66 0.34 -22.70 -17.54
CA LEU D 66 -0.63 -21.67 -17.17
C LEU D 66 -1.63 -22.14 -16.13
N ARG D 67 -2.22 -23.31 -16.36
CA ARG D 67 -3.31 -23.83 -15.53
C ARG D 67 -2.83 -24.33 -14.16
N VAL D 68 -1.61 -24.86 -14.15
CA VAL D 68 -0.96 -25.31 -12.93
C VAL D 68 -0.64 -24.09 -12.04
N CYS D 69 -0.12 -23.04 -12.65
CA CYS D 69 0.22 -21.81 -11.94
C CYS D 69 -1.03 -21.15 -11.35
N ASP D 70 -2.06 -21.04 -12.18
CA ASP D 70 -3.33 -20.49 -11.77
C ASP D 70 -3.86 -21.21 -10.53
N ASP D 71 -3.86 -22.55 -10.57
CA ASP D 71 -4.41 -23.30 -9.46
C ASP D 71 -3.56 -23.10 -8.20
N LEU D 72 -2.25 -23.02 -8.38
CA LEU D 72 -1.33 -22.74 -7.27
C LEU D 72 -1.65 -21.36 -6.66
N CYS D 73 -1.82 -20.38 -7.54
CA CYS D 73 -2.27 -19.04 -7.15
C CYS D 73 -3.53 -19.01 -6.30
N ALA D 74 -4.52 -19.83 -6.68
CA ALA D 74 -5.77 -19.92 -5.92
C ALA D 74 -5.53 -20.52 -4.54
N GLN D 75 -4.70 -21.56 -4.48
CA GLN D 75 -4.38 -22.22 -3.20
C GLN D 75 -3.57 -21.30 -2.31
N LEU D 76 -2.70 -20.49 -2.93
CA LEU D 76 -1.90 -19.50 -2.21
C LEU D 76 -2.81 -18.45 -1.58
N GLN D 77 -3.69 -17.89 -2.41
CA GLN D 77 -4.72 -16.95 -1.98
C GLN D 77 -5.52 -17.50 -0.78
N ALA D 78 -5.96 -18.76 -0.89
CA ALA D 78 -6.82 -19.39 0.12
C ALA D 78 -6.14 -19.59 1.46
N ASP D 79 -4.81 -19.63 1.45
CA ASP D 79 -4.04 -19.80 2.67
C ASP D 79 -3.08 -18.62 2.96
N ALA D 80 -3.45 -17.41 2.54
CA ALA D 80 -2.68 -16.20 2.89
C ALA D 80 -2.76 -15.94 4.39
N GLU D 81 -1.72 -15.32 4.94
CA GLU D 81 -1.68 -14.95 6.36
C GLU D 81 -2.95 -14.22 6.78
N GLY D 82 -3.66 -14.80 7.75
CA GLY D 82 -4.92 -14.23 8.27
C GLY D 82 -6.06 -13.93 7.30
N VAL D 83 -6.08 -14.57 6.13
CA VAL D 83 -7.17 -14.40 5.15
C VAL D 83 -8.52 -14.81 5.76
N THR D 84 -9.56 -14.03 5.49
CA THR D 84 -10.93 -14.45 5.74
C THR D 84 -11.81 -14.18 4.52
N LYS D 85 -11.25 -13.49 3.53
CA LYS D 85 -11.94 -13.23 2.26
C LYS D 85 -11.04 -13.49 1.07
N ARG D 86 -11.54 -14.25 0.12
CA ARG D 86 -10.78 -14.51 -1.10
C ARG D 86 -11.32 -13.54 -2.13
N VAL D 87 -10.56 -12.48 -2.33
CA VAL D 87 -11.04 -11.33 -3.09
C VAL D 87 -10.47 -11.40 -4.50
N THR D 88 -11.34 -11.26 -5.49
CA THR D 88 -10.89 -11.10 -6.88
C THR D 88 -11.31 -9.73 -7.40
N VAL D 89 -10.34 -8.96 -7.86
CA VAL D 89 -10.62 -7.63 -8.36
C VAL D 89 -10.39 -7.63 -9.87
N THR D 90 -11.48 -7.43 -10.60
CA THR D 90 -11.45 -7.38 -12.04
C THR D 90 -11.73 -5.95 -12.46
N VAL D 91 -10.98 -5.47 -13.43
CA VAL D 91 -11.23 -4.16 -13.98
C VAL D 91 -11.44 -4.33 -15.49
N THR D 92 -12.53 -3.75 -15.98
CA THR D 92 -12.90 -3.84 -17.40
C THR D 92 -13.18 -2.43 -17.90
N GLY D 93 -13.24 -2.25 -19.22
CA GLY D 93 -13.55 -0.96 -19.80
C GLY D 93 -12.41 0.05 -19.75
N ALA D 94 -11.21 -0.41 -19.43
CA ALA D 94 -10.02 0.46 -19.40
C ALA D 94 -9.51 0.83 -20.80
N ALA D 95 -8.66 1.85 -20.87
CA ALA D 95 -8.16 2.37 -22.15
C ALA D 95 -7.15 1.45 -22.82
N THR D 96 -6.38 0.75 -21.99
CA THR D 96 -5.38 -0.23 -22.44
C THR D 96 -5.42 -1.39 -21.45
N GLU D 97 -4.86 -2.51 -21.86
CA GLU D 97 -4.71 -3.66 -20.99
C GLU D 97 -3.94 -3.27 -19.73
N ASP D 98 -2.87 -2.49 -19.87
CA ASP D 98 -2.03 -2.14 -18.71
C ASP D 98 -2.79 -1.27 -17.70
N ASP D 99 -3.50 -0.27 -18.21
CA ASP D 99 -4.34 0.62 -17.40
C ASP D 99 -5.24 -0.19 -16.47
N ALA D 100 -5.83 -1.26 -17.01
CA ALA D 100 -6.74 -2.09 -16.23
C ALA D 100 -6.02 -2.76 -15.08
N LEU D 101 -4.85 -3.30 -15.38
CA LEU D 101 -4.04 -4.00 -14.39
C LEU D 101 -3.61 -3.04 -13.30
N VAL D 102 -3.27 -1.81 -13.69
CA VAL D 102 -2.84 -0.78 -12.75
C VAL D 102 -4.00 -0.38 -11.83
N ALA D 103 -5.19 -0.30 -12.42
CA ALA D 103 -6.43 0.01 -11.71
C ALA D 103 -6.76 -1.09 -10.72
N ALA D 104 -6.63 -2.34 -11.15
CA ALA D 104 -6.94 -3.49 -10.30
C ALA D 104 -5.98 -3.63 -9.12
N ARG D 105 -4.68 -3.43 -9.37
CA ARG D 105 -3.69 -3.46 -8.30
C ARG D 105 -3.93 -2.33 -7.28
N GLN D 106 -4.23 -1.14 -7.79
CA GLN D 106 -4.52 0.03 -6.96
C GLN D 106 -5.65 -0.25 -5.97
N ILE D 107 -6.74 -0.85 -6.45
CA ILE D 107 -7.87 -1.23 -5.62
C ILE D 107 -7.47 -2.31 -4.61
N ALA D 108 -6.84 -3.37 -5.11
CA ALA D 108 -6.45 -4.53 -4.28
C ALA D 108 -5.46 -4.22 -3.14
N ARG D 109 -4.63 -3.20 -3.34
CA ARG D 109 -3.61 -2.85 -2.35
C ARG D 109 -4.10 -1.87 -1.27
N ASP D 110 -5.27 -1.27 -1.49
CA ASP D 110 -5.74 -0.18 -0.65
C ASP D 110 -6.22 -0.63 0.73
N SER D 111 -5.59 -0.06 1.76
CA SER D 111 -5.89 -0.37 3.16
C SER D 111 -7.36 -0.24 3.54
N LEU D 112 -8.03 0.75 2.97
CA LEU D 112 -9.44 0.96 3.25
C LEU D 112 -10.36 -0.05 2.55
N VAL D 113 -10.11 -0.33 1.27
CA VAL D 113 -10.83 -1.42 0.59
C VAL D 113 -10.75 -2.74 1.39
N LYS D 114 -9.52 -3.14 1.70
CA LYS D 114 -9.21 -4.38 2.42
C LYS D 114 -9.77 -4.47 3.83
N THR D 115 -9.76 -3.38 4.58
CA THR D 115 -10.35 -3.40 5.92
C THR D 115 -11.88 -3.39 5.85
N ALA D 116 -12.43 -2.66 4.88
CA ALA D 116 -13.86 -2.69 4.60
C ALA D 116 -14.28 -4.14 4.24
N LEU D 117 -13.57 -4.74 3.29
CA LEU D 117 -13.87 -6.14 2.95
C LEU D 117 -13.75 -7.09 4.14
N PHE D 118 -12.78 -6.88 5.03
CA PHE D 118 -12.65 -7.70 6.23
C PHE D 118 -13.91 -7.66 7.08
N GLY D 119 -14.47 -6.46 7.29
CA GLY D 119 -15.70 -6.31 8.05
C GLY D 119 -17.00 -6.55 7.29
N SER D 120 -16.88 -7.07 6.07
CA SER D 120 -18.03 -7.38 5.21
C SER D 120 -18.83 -6.15 4.75
N ASP D 121 -18.20 -4.99 4.79
CA ASP D 121 -18.84 -3.73 4.47
C ASP D 121 -18.71 -3.47 2.95
N PRO D 122 -19.83 -3.24 2.26
CA PRO D 122 -19.74 -2.87 0.86
C PRO D 122 -19.55 -1.36 0.71
N ASN D 123 -18.47 -0.86 1.29
CA ASN D 123 -18.12 0.54 1.25
C ASN D 123 -17.51 0.89 -0.11
N TRP D 124 -18.35 0.92 -1.13
CA TRP D 124 -17.92 1.13 -2.51
C TRP D 124 -17.17 2.46 -2.74
N GLY D 125 -17.47 3.45 -1.90
CA GLY D 125 -16.80 4.75 -1.97
C GLY D 125 -15.30 4.62 -1.88
N ARG D 126 -14.83 3.76 -0.97
CA ARG D 126 -13.40 3.49 -0.82
C ARG D 126 -12.78 2.92 -2.09
N VAL D 127 -13.56 2.11 -2.82
CA VAL D 127 -13.10 1.56 -4.09
C VAL D 127 -12.87 2.68 -5.10
N LEU D 128 -13.81 3.63 -5.17
CA LEU D 128 -13.67 4.75 -6.08
C LEU D 128 -12.58 5.72 -5.68
N ALA D 129 -12.46 5.96 -4.37
CA ALA D 129 -11.32 6.73 -3.87
C ALA D 129 -10.02 6.10 -4.38
N ALA D 130 -9.89 4.80 -4.17
CA ALA D 130 -8.68 4.06 -4.55
C ALA D 130 -8.36 4.20 -6.03
N VAL D 131 -9.32 3.88 -6.90
CA VAL D 131 -9.04 3.81 -8.33
C VAL D 131 -8.75 5.19 -8.94
N GLY D 132 -9.27 6.22 -8.30
CA GLY D 132 -9.03 7.60 -8.74
C GLY D 132 -7.58 8.03 -8.62
N MET D 133 -6.80 7.23 -7.89
CA MET D 133 -5.38 7.51 -7.72
C MET D 133 -4.51 6.76 -8.72
N ALA D 134 -5.12 5.92 -9.54
CA ALA D 134 -4.35 5.11 -10.51
C ALA D 134 -3.93 5.94 -11.71
N PRO D 135 -2.63 5.97 -12.01
CA PRO D 135 -2.12 6.78 -13.11
C PRO D 135 -2.58 6.26 -14.48
N ILE D 136 -3.88 6.39 -14.76
CA ILE D 136 -4.51 5.87 -15.99
C ILE D 136 -5.52 6.90 -16.51
N THR D 137 -6.04 6.68 -17.72
CA THR D 137 -7.13 7.50 -18.25
C THR D 137 -8.43 7.15 -17.52
N LEU D 138 -9.07 8.15 -16.92
CA LEU D 138 -10.26 7.93 -16.08
C LEU D 138 -11.36 8.98 -16.27
N ASP D 139 -12.62 8.56 -16.18
CA ASP D 139 -13.77 9.47 -16.25
C ASP D 139 -14.69 9.16 -15.10
N PRO D 140 -14.61 9.97 -14.02
CA PRO D 140 -15.34 9.62 -12.79
C PRO D 140 -16.84 9.43 -13.03
N ASP D 141 -17.34 10.00 -14.14
CA ASP D 141 -18.76 9.87 -14.52
C ASP D 141 -19.13 8.49 -15.06
N ARG D 142 -18.15 7.75 -15.58
CA ARG D 142 -18.42 6.52 -16.34
C ARG D 142 -18.02 5.22 -15.64
N ILE D 143 -17.85 5.28 -14.32
CA ILE D 143 -17.38 4.16 -13.54
C ILE D 143 -18.56 3.39 -12.94
N SER D 144 -18.53 2.07 -13.08
CA SER D 144 -19.54 1.23 -12.45
C SER D 144 -18.90 0.10 -11.67
N VAL D 145 -19.53 -0.28 -10.57
CA VAL D 145 -18.98 -1.32 -9.71
C VAL D 145 -20.06 -2.31 -9.27
N SER D 146 -19.72 -3.59 -9.31
CA SER D 146 -20.58 -4.61 -8.73
C SER D 146 -19.82 -5.44 -7.70
N PHE D 147 -20.45 -5.70 -6.56
CA PHE D 147 -19.92 -6.62 -5.55
C PHE D 147 -20.71 -7.92 -5.58
N ASN D 148 -20.07 -9.00 -6.04
CA ASN D 148 -20.71 -10.33 -6.11
C ASN D 148 -21.92 -10.32 -7.04
N GLY D 149 -21.78 -9.63 -8.17
CA GLY D 149 -22.84 -9.54 -9.16
C GLY D 149 -23.75 -8.34 -8.99
N ALA D 150 -24.06 -8.00 -7.74
CA ALA D 150 -24.95 -6.88 -7.41
C ALA D 150 -24.26 -5.52 -7.64
N ALA D 151 -24.89 -4.66 -8.45
CA ALA D 151 -24.36 -3.31 -8.69
C ALA D 151 -24.40 -2.45 -7.42
N VAL D 152 -23.31 -1.73 -7.17
CA VAL D 152 -23.24 -0.83 -6.01
C VAL D 152 -22.92 0.59 -6.44
N CYS D 153 -22.40 0.71 -7.65
CA CYS D 153 -22.01 1.99 -8.17
C CYS D 153 -22.38 2.08 -9.63
N VAL D 154 -23.16 3.10 -9.97
CA VAL D 154 -23.61 3.29 -11.34
C VAL D 154 -23.20 4.66 -11.82
N HIS D 155 -22.46 4.70 -12.91
CA HIS D 155 -21.97 5.95 -13.51
C HIS D 155 -21.50 7.01 -12.50
N GLY D 156 -20.65 6.60 -11.56
CA GLY D 156 -20.07 7.53 -10.63
C GLY D 156 -20.86 7.78 -9.36
N VAL D 157 -22.10 7.30 -9.30
CA VAL D 157 -22.99 7.54 -8.15
C VAL D 157 -23.50 6.23 -7.53
N GLY D 158 -24.14 6.34 -6.36
CA GLY D 158 -24.63 5.17 -5.65
C GLY D 158 -25.76 4.47 -6.36
N ALA D 159 -25.70 3.15 -6.41
CA ALA D 159 -26.82 2.38 -6.95
C ALA D 159 -27.76 2.05 -5.80
N PRO D 160 -29.08 2.18 -6.04
CA PRO D 160 -30.08 1.90 -5.01
C PRO D 160 -29.89 0.52 -4.41
N GLY D 161 -29.88 0.45 -3.08
CA GLY D 161 -29.68 -0.81 -2.36
C GLY D 161 -28.23 -1.18 -2.08
N ALA D 162 -27.29 -0.40 -2.63
CA ALA D 162 -25.85 -0.65 -2.46
C ALA D 162 -25.45 -1.08 -1.05
N ARG D 163 -25.83 -0.28 -0.04
CA ARG D 163 -25.41 -0.49 1.34
C ARG D 163 -25.99 -1.75 1.96
N GLU D 164 -26.90 -2.40 1.23
CA GLU D 164 -27.60 -3.59 1.70
C GLU D 164 -26.92 -4.87 1.25
N VAL D 165 -26.06 -4.76 0.23
CA VAL D 165 -25.35 -5.91 -0.33
C VAL D 165 -24.67 -6.78 0.76
N ASP D 166 -24.89 -8.08 0.67
CA ASP D 166 -24.37 -9.06 1.63
C ASP D 166 -22.96 -9.49 1.23
N LEU D 167 -22.00 -9.28 2.12
CA LEU D 167 -20.62 -9.66 1.87
C LEU D 167 -20.05 -10.55 2.96
N SER D 168 -20.92 -11.29 3.65
CA SER D 168 -20.49 -12.13 4.78
C SER D 168 -19.82 -13.44 4.35
N ASP D 169 -20.01 -13.82 3.08
CA ASP D 169 -19.36 -15.02 2.55
C ASP D 169 -17.87 -14.80 2.31
N ALA D 170 -17.10 -15.89 2.33
CA ALA D 170 -15.64 -15.83 2.19
C ALA D 170 -15.19 -15.29 0.83
N ASP D 171 -15.86 -15.71 -0.25
CA ASP D 171 -15.53 -15.22 -1.58
C ASP D 171 -16.20 -13.88 -1.87
N ILE D 172 -15.44 -12.96 -2.47
CA ILE D 172 -15.94 -11.66 -2.89
C ILE D 172 -15.41 -11.35 -4.30
N ASP D 173 -16.33 -11.11 -5.22
CA ASP D 173 -15.96 -10.67 -6.57
C ASP D 173 -16.18 -9.18 -6.69
N ILE D 174 -15.17 -8.44 -7.14
CA ILE D 174 -15.37 -7.03 -7.46
C ILE D 174 -15.11 -6.86 -8.94
N THR D 175 -16.09 -6.32 -9.65
CA THR D 175 -15.89 -5.90 -11.03
C THR D 175 -16.08 -4.39 -11.12
N VAL D 176 -15.07 -3.73 -11.70
CA VAL D 176 -15.11 -2.29 -11.90
C VAL D 176 -15.01 -2.04 -13.41
N ASP D 177 -16.00 -1.34 -13.94
CA ASP D 177 -15.93 -0.95 -15.33
C ASP D 177 -15.69 0.54 -15.41
N LEU D 178 -14.75 0.92 -16.29
CA LEU D 178 -14.27 2.30 -16.39
C LEU D 178 -14.82 2.99 -17.62
N GLY D 179 -15.47 2.21 -18.47
CA GLY D 179 -16.13 2.70 -19.66
C GLY D 179 -15.33 3.71 -20.46
N VAL D 180 -14.05 3.41 -20.69
CA VAL D 180 -13.17 4.29 -21.48
C VAL D 180 -12.38 3.55 -22.60
N GLY D 181 -12.67 2.27 -22.78
CA GLY D 181 -12.01 1.42 -23.79
C GLY D 181 -12.42 -0.02 -23.52
N ASP D 182 -11.55 -0.98 -23.80
CA ASP D 182 -11.92 -2.36 -23.44
C ASP D 182 -10.85 -3.24 -22.76
N GLY D 183 -9.77 -2.60 -22.32
CA GLY D 183 -8.70 -3.29 -21.60
C GLY D 183 -9.22 -3.89 -20.32
N GLN D 184 -8.73 -5.07 -19.96
CA GLN D 184 -9.22 -5.74 -18.77
C GLN D 184 -8.16 -6.57 -18.04
N ALA D 185 -8.35 -6.73 -16.74
CA ALA D 185 -7.39 -7.43 -15.90
C ALA D 185 -8.00 -7.82 -14.58
N ARG D 186 -7.44 -8.88 -14.02
CA ARG D 186 -7.93 -9.46 -12.79
C ARG D 186 -6.75 -9.71 -11.83
N ILE D 187 -6.93 -9.34 -10.56
CA ILE D 187 -5.95 -9.58 -9.50
C ILE D 187 -6.59 -10.43 -8.39
N ARG D 188 -5.85 -11.41 -7.88
CA ARG D 188 -6.28 -12.17 -6.69
C ARG D 188 -5.71 -11.48 -5.47
N THR D 189 -6.57 -11.15 -4.51
CA THR D 189 -6.09 -10.56 -3.26
C THR D 189 -6.83 -11.14 -2.06
N THR D 190 -6.52 -10.62 -0.88
CA THR D 190 -7.25 -10.99 0.31
C THR D 190 -7.48 -9.75 1.16
N ASP D 191 -8.11 -9.95 2.32
CA ASP D 191 -8.51 -8.85 3.18
C ASP D 191 -7.42 -8.46 4.19
N LEU D 192 -7.59 -7.31 4.83
CA LEU D 192 -6.74 -6.90 5.93
C LEU D 192 -7.44 -7.17 7.26
N SER D 193 -7.07 -8.29 7.89
CA SER D 193 -7.73 -8.75 9.10
C SER D 193 -6.93 -8.50 10.37
N HIS D 194 -7.56 -8.67 11.53
CA HIS D 194 -6.83 -8.72 12.80
C HIS D 194 -5.78 -9.82 12.82
N ALA D 195 -6.08 -10.96 12.19
CA ALA D 195 -5.17 -12.10 12.16
C ALA D 195 -3.92 -11.81 11.34
N TYR D 196 -4.07 -11.06 10.24
CA TYR D 196 -2.91 -10.62 9.46
C TYR D 196 -1.99 -9.73 10.27
N VAL D 197 -2.59 -8.78 11.01
CA VAL D 197 -1.85 -7.85 11.85
C VAL D 197 -1.15 -8.56 13.02
N GLU D 198 -1.88 -9.44 13.72
CA GLU D 198 -1.30 -10.18 14.84
C GLU D 198 -0.11 -10.99 14.38
N GLU D 199 -0.27 -11.67 13.26
CA GLU D 199 0.77 -12.55 12.74
C GLU D 199 2.02 -11.80 12.31
N ASN D 200 1.87 -10.56 11.88
CA ASN D 200 3.02 -9.81 11.38
C ASN D 200 3.67 -8.85 12.37
N SER D 201 3.15 -8.83 13.60
CA SER D 201 3.59 -7.92 14.64
C SER D 201 3.95 -8.65 15.94
N ALA D 202 3.29 -9.77 16.20
CA ALA D 202 3.53 -10.52 17.43
C ALA D 202 4.87 -11.23 17.43
N TYR D 203 5.40 -11.54 16.25
CA TYR D 203 6.71 -12.22 16.09
C TYR D 203 7.43 -11.82 14.78
N SER D 204 8.75 -12.06 14.74
CA SER D 204 9.58 -11.75 13.57
C SER D 204 9.44 -12.77 12.45
N SER D 205 9.08 -12.29 11.25
CA SER D 205 8.98 -13.13 10.06
C SER D 205 9.45 -12.43 8.76
N ORN E . -12.40 10.59 4.36
CA ORN E . -12.80 9.87 5.59
CB ORN E . -11.90 8.64 5.82
CG ORN E . -12.34 7.74 6.95
CD ORN E . -11.56 6.44 7.05
NE ORN E . -11.78 5.83 8.36
C ORN E . -12.83 10.77 6.85
O ORN E . -11.97 11.63 7.09
OXT ORN E . -13.72 10.65 7.70
N ORN F . 9.45 -13.81 3.01
CA ORN F . 8.78 -14.16 4.29
CB ORN F . 7.62 -13.19 4.55
CG ORN F . 7.05 -13.23 5.97
CD ORN F . 5.82 -12.35 6.18
NE ORN F . 5.31 -12.50 7.54
C ORN F . 8.27 -15.61 4.25
O ORN F . 7.96 -16.16 3.19
OXT ORN F . 8.13 -16.26 5.29
#